data_7KOS
#
_entry.id   7KOS
#
_cell.length_a   80.462
_cell.length_b   91.810
_cell.length_c   99.220
_cell.angle_alpha   90.000
_cell.angle_beta   90.000
_cell.angle_gamma   90.000
#
_symmetry.space_group_name_H-M   'P 21 21 21'
#
loop_
_entity.id
_entity.type
_entity.pdbx_description
1 polymer 'Pterin Binding Protein'
2 non-polymer 'SODIUM ION'
3 non-polymer 'MALONIC ACID'
4 non-polymer alpha-D-glucopyranose
5 non-polymer 'FORMIC ACID'
6 water water
#
_entity_poly.entity_id   1
_entity_poly.type   'polypeptide(L)'
_entity_poly.pdbx_seq_one_letter_code
;SNAGTIAKPQGKPILTISGNITNTNAEGAAQFDRDMLEALGMETVETTTPWHDGRVRFDGVSLAKLMDIVGAKGTSVTAV
ALNDYVSTIPIEDFKKFNVILAIKLDGNYMTVREKGPLFVIYPYDSDPELQKQTYYSRSAWQVAKLIVE
;
_entity_poly.pdbx_strand_id   A,B,C,D
#
loop_
_chem_comp.id
_chem_comp.type
_chem_comp.name
_chem_comp.formula
FMT non-polymer 'FORMIC ACID' 'C H2 O2'
GLC D-saccharide, alpha linking alpha-D-glucopyranose 'C6 H12 O6'
MLA non-polymer 'MALONIC ACID' 'C3 H4 O4'
NA non-polymer 'SODIUM ION' 'Na 1'
#
# COMPACT_ATOMS: atom_id res chain seq x y z
N SER A 1 -9.64 -14.47 -19.18
CA SER A 1 -9.80 -15.78 -19.85
C SER A 1 -9.51 -16.93 -18.88
N ASN A 2 -9.93 -18.14 -19.25
CA ASN A 2 -9.60 -19.37 -18.47
C ASN A 2 -8.71 -20.24 -19.36
N ALA A 3 -7.40 -20.22 -19.11
CA ALA A 3 -6.42 -20.99 -19.91
C ALA A 3 -6.69 -22.49 -19.75
N GLY A 4 -7.16 -22.90 -18.57
CA GLY A 4 -7.45 -24.33 -18.27
C GLY A 4 -6.17 -25.14 -18.19
N THR A 5 -5.09 -24.51 -17.74
CA THR A 5 -3.74 -25.16 -17.68
C THR A 5 -3.44 -25.68 -16.25
N ILE A 6 -4.38 -25.49 -15.33
CA ILE A 6 -4.33 -26.07 -13.96
C ILE A 6 -5.61 -26.89 -13.81
N ALA A 7 -5.53 -28.08 -13.19
CA ALA A 7 -6.73 -28.91 -13.02
C ALA A 7 -7.75 -28.20 -12.12
N LYS A 8 -9.03 -28.48 -12.35
CA LYS A 8 -10.10 -27.92 -11.49
C LYS A 8 -10.00 -28.63 -10.13
N PRO A 9 -10.30 -27.94 -9.01
CA PRO A 9 -10.29 -28.58 -7.70
C PRO A 9 -11.42 -29.61 -7.58
N GLN A 10 -11.21 -30.64 -6.79
CA GLN A 10 -12.24 -31.70 -6.58
C GLN A 10 -12.97 -31.42 -5.26
N GLY A 11 -12.30 -30.71 -4.35
CA GLY A 11 -12.87 -30.35 -3.04
C GLY A 11 -13.14 -28.86 -2.95
N LYS A 12 -13.45 -28.36 -1.76
CA LYS A 12 -13.79 -26.92 -1.64
C LYS A 12 -12.53 -26.08 -1.82
N PRO A 13 -12.53 -25.08 -2.72
CA PRO A 13 -11.38 -24.20 -2.87
C PRO A 13 -11.17 -23.42 -1.56
N ILE A 14 -9.92 -23.33 -1.13
CA ILE A 14 -9.56 -22.56 0.10
C ILE A 14 -8.59 -21.44 -0.29
N LEU A 15 -8.12 -21.42 -1.53
CA LEU A 15 -7.22 -20.32 -1.96
C LEU A 15 -7.54 -19.99 -3.41
N THR A 16 -7.71 -18.71 -3.70
CA THR A 16 -7.88 -18.28 -5.10
C THR A 16 -6.78 -17.29 -5.44
N ILE A 17 -5.98 -17.62 -6.44
CA ILE A 17 -4.92 -16.70 -6.92
C ILE A 17 -5.46 -16.07 -8.20
N SER A 18 -5.36 -14.76 -8.32
CA SER A 18 -5.97 -14.07 -9.47
C SER A 18 -5.08 -12.92 -9.91
N GLY A 19 -5.54 -12.17 -10.90
CA GLY A 19 -4.81 -10.98 -11.34
C GLY A 19 -3.86 -11.22 -12.50
N ASN A 20 -2.66 -10.66 -12.37
CA ASN A 20 -1.66 -10.64 -13.46
C ASN A 20 -0.93 -11.98 -13.50
N ILE A 21 -1.66 -13.03 -13.90
CA ILE A 21 -1.17 -14.44 -13.93
C ILE A 21 -1.49 -15.05 -15.30
N THR A 22 -0.88 -16.20 -15.56
N THR A 22 -0.93 -16.22 -15.61
CA THR A 22 -0.95 -16.87 -16.89
CA THR A 22 -1.17 -16.81 -16.95
C THR A 22 -1.80 -18.15 -16.81
C THR A 22 -1.79 -18.21 -16.86
N ASN A 23 -1.61 -18.94 -15.75
CA ASN A 23 -2.19 -20.30 -15.66
C ASN A 23 -3.39 -20.28 -14.72
N THR A 24 -4.53 -20.76 -15.22
CA THR A 24 -5.81 -20.62 -14.50
C THR A 24 -6.66 -21.89 -14.64
N ASN A 25 -7.68 -22.00 -13.79
CA ASN A 25 -8.68 -23.09 -13.85
C ASN A 25 -10.08 -22.51 -13.61
N ALA A 26 -10.17 -21.19 -13.73
CA ALA A 26 -11.41 -20.40 -13.59
C ALA A 26 -11.18 -19.09 -14.35
N GLU A 27 -12.22 -18.27 -14.53
CA GLU A 27 -12.01 -16.99 -15.25
C GLU A 27 -10.97 -16.13 -14.52
N GLY A 28 -9.79 -15.97 -15.15
CA GLY A 28 -8.69 -15.13 -14.64
C GLY A 28 -8.18 -15.59 -13.30
N ALA A 29 -8.48 -16.83 -12.89
CA ALA A 29 -8.07 -17.24 -11.52
C ALA A 29 -7.63 -18.70 -11.46
N ALA A 30 -6.80 -19.00 -10.47
CA ALA A 30 -6.37 -20.37 -10.15
C ALA A 30 -6.91 -20.70 -8.75
N GLN A 31 -7.89 -21.60 -8.70
CA GLN A 31 -8.54 -22.02 -7.43
C GLN A 31 -7.86 -23.30 -6.96
N PHE A 32 -7.53 -23.36 -5.66
CA PHE A 32 -6.84 -24.54 -5.10
C PHE A 32 -7.60 -25.07 -3.90
N ASP A 33 -7.83 -26.38 -3.88
CA ASP A 33 -8.36 -27.02 -2.66
C ASP A 33 -7.13 -27.42 -1.83
N ARG A 34 -7.34 -27.88 -0.61
CA ARG A 34 -6.19 -28.23 0.27
C ARG A 34 -5.38 -29.38 -0.34
N ASP A 35 -6.04 -30.36 -0.96
CA ASP A 35 -5.32 -31.50 -1.57
C ASP A 35 -4.36 -31.01 -2.65
N MET A 36 -4.79 -30.06 -3.50
CA MET A 36 -3.92 -29.53 -4.57
C MET A 36 -2.70 -28.83 -3.95
N LEU A 37 -2.89 -28.08 -2.87
CA LEU A 37 -1.74 -27.36 -2.24
C LEU A 37 -0.75 -28.38 -1.66
N GLU A 38 -1.25 -29.38 -0.93
N GLU A 38 -1.25 -29.38 -0.93
CA GLU A 38 -0.35 -30.41 -0.34
CA GLU A 38 -0.35 -30.41 -0.34
C GLU A 38 0.40 -31.14 -1.45
C GLU A 38 0.40 -31.15 -1.44
N ALA A 39 -0.27 -31.41 -2.58
CA ALA A 39 0.35 -32.15 -3.71
C ALA A 39 1.54 -31.38 -4.32
N LEU A 40 1.61 -30.07 -4.11
CA LEU A 40 2.72 -29.29 -4.73
C LEU A 40 4.02 -29.54 -3.97
N GLY A 41 3.94 -30.22 -2.83
CA GLY A 41 5.13 -30.51 -2.00
C GLY A 41 5.11 -29.69 -0.73
N MET A 42 5.19 -30.36 0.43
CA MET A 42 5.16 -29.67 1.74
C MET A 42 6.60 -29.32 2.18
N GLU A 43 6.82 -28.06 2.53
CA GLU A 43 8.11 -27.57 3.08
C GLU A 43 7.91 -27.24 4.55
N THR A 44 8.99 -27.29 5.33
CA THR A 44 8.91 -27.05 6.79
C THR A 44 9.64 -25.77 7.20
N VAL A 45 8.98 -24.95 8.01
CA VAL A 45 9.63 -23.77 8.64
C VAL A 45 9.43 -23.93 10.15
N GLU A 46 10.52 -24.01 10.90
CA GLU A 46 10.46 -24.07 12.39
C GLU A 46 10.97 -22.71 12.88
N THR A 47 10.15 -22.02 13.67
CA THR A 47 10.54 -20.67 14.14
C THR A 47 9.67 -20.21 15.30
N THR A 48 10.22 -19.32 16.12
CA THR A 48 9.37 -18.58 17.08
C THR A 48 8.65 -17.50 16.25
N THR A 49 7.55 -16.99 16.79
CA THR A 49 6.80 -15.92 16.09
C THR A 49 6.30 -14.96 17.16
N PRO A 50 5.81 -13.76 16.79
CA PRO A 50 5.24 -12.86 17.79
C PRO A 50 3.92 -13.36 18.38
N TRP A 51 3.33 -14.41 17.80
CA TRP A 51 1.93 -14.83 18.14
C TRP A 51 1.86 -16.24 18.71
N HIS A 52 2.98 -16.95 18.77
CA HIS A 52 2.95 -18.36 19.26
C HIS A 52 3.86 -18.51 20.48
N ASP A 53 3.66 -19.60 21.23
CA ASP A 53 4.48 -19.88 22.44
C ASP A 53 5.66 -20.78 22.04
N GLY A 54 6.88 -20.23 22.14
CA GLY A 54 8.10 -20.99 21.82
C GLY A 54 8.26 -21.27 20.33
N ARG A 55 9.21 -22.16 19.99
N ARG A 55 9.20 -22.16 20.00
CA ARG A 55 9.51 -22.51 18.58
CA ARG A 55 9.51 -22.53 18.59
C ARG A 55 8.43 -23.49 18.10
C ARG A 55 8.42 -23.49 18.11
N VAL A 56 7.75 -23.14 17.01
CA VAL A 56 6.66 -24.00 16.45
C VAL A 56 7.05 -24.46 15.05
N ARG A 57 6.44 -25.55 14.62
CA ARG A 57 6.74 -26.16 13.32
C ARG A 57 5.58 -25.89 12.37
N PHE A 58 5.86 -25.18 11.29
CA PHE A 58 4.85 -24.97 10.23
C PHE A 58 5.20 -25.83 9.03
N ASP A 59 4.18 -26.47 8.44
CA ASP A 59 4.39 -27.21 7.17
C ASP A 59 3.48 -26.59 6.13
N GLY A 60 4.00 -26.31 4.94
CA GLY A 60 3.15 -25.68 3.92
C GLY A 60 3.79 -25.68 2.56
N VAL A 61 3.17 -24.93 1.64
N VAL A 61 3.18 -24.91 1.65
CA VAL A 61 3.65 -24.89 0.23
CA VAL A 61 3.61 -24.85 0.23
C VAL A 61 4.48 -23.63 0.01
C VAL A 61 4.50 -23.62 0.02
N SER A 62 5.58 -23.78 -0.75
CA SER A 62 6.44 -22.63 -1.10
C SER A 62 5.60 -21.60 -1.87
N LEU A 63 5.60 -20.34 -1.43
CA LEU A 63 4.87 -19.30 -2.20
C LEU A 63 5.60 -19.00 -3.50
N ALA A 64 6.93 -19.17 -3.54
CA ALA A 64 7.62 -18.98 -4.84
C ALA A 64 7.11 -20.04 -5.82
N LYS A 65 6.91 -21.27 -5.34
N LYS A 65 6.92 -21.27 -5.33
CA LYS A 65 6.40 -22.34 -6.24
CA LYS A 65 6.39 -22.38 -6.15
C LYS A 65 4.98 -21.98 -6.70
C LYS A 65 4.99 -22.00 -6.68
N LEU A 66 4.15 -21.47 -5.80
CA LEU A 66 2.76 -21.09 -6.22
C LEU A 66 2.83 -20.00 -7.28
N MET A 67 3.71 -19.03 -7.12
CA MET A 67 3.79 -17.97 -8.16
C MET A 67 4.25 -18.57 -9.49
N ASP A 68 5.11 -19.59 -9.45
N ASP A 68 5.23 -19.47 -9.49
CA ASP A 68 5.56 -20.27 -10.70
CA ASP A 68 5.70 -20.10 -10.75
C ASP A 68 4.41 -21.11 -11.25
C ASP A 68 4.54 -20.86 -11.41
N ILE A 69 3.62 -21.77 -10.39
N ILE A 69 3.84 -21.66 -10.62
CA ILE A 69 2.49 -22.62 -10.89
CA ILE A 69 2.72 -22.51 -11.12
C ILE A 69 1.49 -21.75 -11.67
C ILE A 69 1.66 -21.64 -11.80
N VAL A 70 1.21 -20.54 -11.17
CA VAL A 70 0.17 -19.69 -11.82
C VAL A 70 0.80 -18.80 -12.91
N GLY A 71 2.13 -18.83 -13.07
CA GLY A 71 2.78 -17.95 -14.07
C GLY A 71 2.59 -16.49 -13.72
N ALA A 72 2.89 -16.12 -12.47
CA ALA A 72 2.77 -14.70 -12.07
C ALA A 72 3.63 -13.83 -12.99
N LYS A 73 3.06 -12.75 -13.50
CA LYS A 73 3.77 -11.81 -14.42
C LYS A 73 4.11 -10.53 -13.66
N GLY A 74 3.42 -10.29 -12.55
CA GLY A 74 3.63 -9.06 -11.78
C GLY A 74 4.68 -9.24 -10.70
N THR A 75 5.01 -8.15 -10.01
CA THR A 75 6.06 -8.14 -8.98
C THR A 75 5.50 -7.96 -7.57
N SER A 76 4.17 -7.84 -7.46
N SER A 76 4.19 -7.87 -7.44
CA SER A 76 3.46 -7.57 -6.18
CA SER A 76 3.65 -7.82 -6.07
C SER A 76 2.27 -8.53 -6.03
C SER A 76 2.40 -8.68 -6.01
N VAL A 77 1.98 -8.99 -4.80
CA VAL A 77 0.77 -9.81 -4.62
C VAL A 77 0.06 -9.23 -3.40
N THR A 78 -1.25 -9.11 -3.50
CA THR A 78 -2.06 -8.64 -2.36
C THR A 78 -2.78 -9.84 -1.74
N ALA A 79 -2.45 -10.13 -0.50
CA ALA A 79 -3.13 -11.18 0.28
C ALA A 79 -4.41 -10.58 0.85
N VAL A 80 -5.51 -11.32 0.74
CA VAL A 80 -6.80 -10.87 1.31
C VAL A 80 -7.23 -12.01 2.23
N ALA A 81 -7.49 -11.68 3.48
CA ALA A 81 -7.81 -12.70 4.51
C ALA A 81 -9.31 -12.81 4.76
N LEU A 82 -9.69 -13.92 5.41
CA LEU A 82 -11.10 -14.16 5.77
C LEU A 82 -11.66 -13.05 6.67
N ASN A 83 -10.78 -12.47 7.50
N ASN A 83 -10.81 -12.40 7.49
CA ASN A 83 -11.06 -11.41 8.50
CA ASN A 83 -11.30 -11.30 8.36
C ASN A 83 -11.01 -10.01 7.87
C ASN A 83 -10.88 -9.93 7.78
N ASP A 84 -10.73 -9.91 6.57
N ASP A 84 -10.83 -9.86 6.44
CA ASP A 84 -10.74 -8.65 5.76
CA ASP A 84 -10.73 -8.60 5.65
C ASP A 84 -9.36 -8.00 5.64
C ASP A 84 -9.37 -7.91 5.73
N TYR A 85 -8.35 -8.54 6.30
CA TYR A 85 -6.99 -7.96 6.21
C TYR A 85 -6.54 -7.95 4.74
N VAL A 86 -5.93 -6.85 4.32
CA VAL A 86 -5.33 -6.68 2.98
C VAL A 86 -3.84 -6.39 3.19
N SER A 87 -2.96 -7.19 2.59
CA SER A 87 -1.51 -6.98 2.77
C SER A 87 -0.79 -7.14 1.44
N THR A 88 -0.10 -6.08 1.00
CA THR A 88 0.69 -6.13 -0.25
C THR A 88 2.06 -6.72 0.08
N ILE A 89 2.47 -7.70 -0.69
CA ILE A 89 3.76 -8.39 -0.46
C ILE A 89 4.56 -8.37 -1.76
N PRO A 90 5.82 -7.88 -1.76
CA PRO A 90 6.65 -7.99 -2.95
C PRO A 90 6.94 -9.47 -3.21
N ILE A 91 6.68 -9.94 -4.42
CA ILE A 91 6.89 -11.37 -4.74
C ILE A 91 8.35 -11.79 -4.51
N GLU A 92 9.30 -10.87 -4.65
N GLU A 92 9.28 -10.86 -4.67
CA GLU A 92 10.73 -11.20 -4.47
CA GLU A 92 10.71 -11.17 -4.46
C GLU A 92 10.99 -11.72 -3.04
C GLU A 92 10.90 -11.80 -3.07
N ASP A 93 10.14 -11.37 -2.07
CA ASP A 93 10.31 -11.93 -0.70
C ASP A 93 10.24 -13.46 -0.74
N PHE A 94 9.39 -14.03 -1.60
CA PHE A 94 9.16 -15.50 -1.57
C PHE A 94 10.41 -16.29 -1.94
N LYS A 95 11.20 -15.71 -2.85
N LYS A 95 11.17 -15.89 -2.95
CA LYS A 95 12.49 -16.28 -3.34
CA LYS A 95 12.35 -16.74 -3.29
C LYS A 95 13.56 -16.05 -2.26
C LYS A 95 13.59 -16.18 -2.56
N LYS A 96 13.84 -14.78 -1.95
N LYS A 96 13.40 -15.15 -1.74
CA LYS A 96 14.92 -14.44 -0.99
CA LYS A 96 14.53 -14.58 -0.97
C LYS A 96 14.80 -15.32 0.24
C LYS A 96 14.54 -15.18 0.43
N PHE A 97 13.58 -15.45 0.77
N PHE A 97 13.36 -15.50 0.97
CA PHE A 97 13.37 -16.23 2.01
CA PHE A 97 13.27 -15.95 2.39
C PHE A 97 12.54 -17.45 1.68
C PHE A 97 12.58 -17.31 2.52
N ASN A 98 12.63 -18.47 2.55
N ASN A 98 12.35 -18.02 1.42
CA ASN A 98 11.79 -19.67 2.35
CA ASN A 98 11.74 -19.39 1.46
C ASN A 98 10.37 -19.28 2.79
C ASN A 98 10.47 -19.40 2.31
N VAL A 99 9.66 -18.38 2.06
CA VAL A 99 8.32 -18.09 2.63
C VAL A 99 7.36 -19.18 2.23
N ILE A 100 6.55 -19.63 3.19
CA ILE A 100 5.55 -20.68 2.85
C ILE A 100 4.13 -20.17 3.14
N LEU A 101 3.18 -20.77 2.43
CA LEU A 101 1.76 -20.66 2.81
C LEU A 101 1.52 -21.87 3.73
N ALA A 102 1.59 -21.64 5.05
CA ALA A 102 1.49 -22.74 6.03
C ALA A 102 0.09 -23.34 6.04
N ILE A 103 0.04 -24.67 6.16
CA ILE A 103 -1.20 -25.49 6.14
C ILE A 103 -1.32 -26.22 7.48
N LYS A 104 -0.17 -26.56 8.07
CA LYS A 104 -0.17 -27.30 9.36
C LYS A 104 0.71 -26.57 10.36
N LEU A 105 0.29 -26.65 11.63
CA LEU A 105 1.01 -26.11 12.80
C LEU A 105 1.22 -27.29 13.77
N ASP A 106 2.47 -27.59 14.10
CA ASP A 106 2.84 -28.71 15.01
C ASP A 106 2.11 -29.98 14.56
N GLY A 107 2.06 -30.21 13.24
CA GLY A 107 1.53 -31.46 12.65
C GLY A 107 0.01 -31.49 12.51
N ASN A 108 -0.68 -30.42 12.85
CA ASN A 108 -2.16 -30.39 12.79
C ASN A 108 -2.63 -29.31 11.82
N TYR A 109 -3.71 -29.57 11.09
CA TYR A 109 -4.31 -28.51 10.24
C TYR A 109 -4.74 -27.37 11.15
N MET A 110 -4.66 -26.15 10.63
CA MET A 110 -5.03 -24.95 11.43
C MET A 110 -6.50 -24.60 11.20
N THR A 111 -7.27 -24.48 12.29
CA THR A 111 -8.68 -24.03 12.20
C THR A 111 -8.68 -22.51 12.00
N VAL A 112 -9.84 -21.92 11.71
CA VAL A 112 -9.90 -20.43 11.55
C VAL A 112 -9.51 -19.78 12.88
N ARG A 113 -9.93 -20.35 14.02
CA ARG A 113 -9.57 -19.76 15.34
C ARG A 113 -8.06 -19.88 15.59
N GLU A 114 -7.36 -20.74 14.84
CA GLU A 114 -5.88 -20.92 14.98
C GLU A 114 -5.15 -20.18 13.84
N LYS A 115 -5.79 -19.16 13.27
CA LYS A 115 -5.22 -18.30 12.20
C LYS A 115 -5.12 -19.03 10.85
N GLY A 116 -5.87 -20.12 10.69
CA GLY A 116 -5.86 -20.90 9.44
C GLY A 116 -7.06 -20.59 8.57
N PRO A 117 -7.33 -21.39 7.51
CA PRO A 117 -6.54 -22.59 7.21
C PRO A 117 -5.16 -22.34 6.61
N LEU A 118 -4.93 -21.13 6.10
CA LEU A 118 -3.67 -20.80 5.40
C LEU A 118 -3.05 -19.55 6.04
N PHE A 119 -1.73 -19.57 6.22
CA PHE A 119 -1.05 -18.48 6.95
C PHE A 119 0.30 -18.22 6.27
N VAL A 120 0.55 -17.01 5.79
CA VAL A 120 1.89 -16.68 5.21
C VAL A 120 2.91 -16.68 6.35
N ILE A 121 3.95 -17.50 6.23
CA ILE A 121 4.97 -17.64 7.31
C ILE A 121 6.37 -17.44 6.71
N TYR A 122 7.11 -16.55 7.34
CA TYR A 122 8.55 -16.34 7.05
C TYR A 122 9.35 -17.04 8.14
N PRO A 123 10.58 -17.50 7.86
CA PRO A 123 11.44 -18.11 8.88
C PRO A 123 12.07 -17.02 9.76
N TYR A 124 11.27 -16.39 10.63
CA TYR A 124 11.71 -15.21 11.42
C TYR A 124 13.05 -15.45 12.15
N ASP A 125 13.20 -16.59 12.83
N ASP A 125 13.17 -16.59 12.82
CA ASP A 125 14.43 -16.74 13.66
CA ASP A 125 14.37 -16.94 13.64
C ASP A 125 15.65 -17.15 12.83
C ASP A 125 15.65 -17.06 12.81
N SER A 126 15.51 -17.28 11.50
CA SER A 126 16.68 -17.60 10.63
C SER A 126 17.50 -16.37 10.24
N ASP A 127 16.99 -15.16 10.44
CA ASP A 127 17.73 -13.98 9.99
C ASP A 127 17.21 -12.76 10.76
N PRO A 128 18.07 -11.94 11.37
CA PRO A 128 17.61 -10.74 12.06
C PRO A 128 16.79 -9.81 11.14
N GLU A 129 17.00 -9.87 9.83
CA GLU A 129 16.23 -9.01 8.88
C GLU A 129 14.73 -9.32 9.03
N LEU A 130 14.39 -10.56 9.32
CA LEU A 130 12.97 -10.98 9.30
C LEU A 130 12.28 -10.73 10.65
N GLN A 131 13.02 -10.32 11.67
CA GLN A 131 12.47 -10.12 13.03
C GLN A 131 12.04 -8.66 13.13
N LYS A 132 11.16 -8.27 12.20
CA LYS A 132 10.78 -6.86 12.03
C LYS A 132 9.31 -6.77 11.64
N GLN A 133 8.66 -5.67 12.01
CA GLN A 133 7.23 -5.50 11.72
C GLN A 133 6.99 -5.53 10.20
N THR A 134 7.99 -5.13 9.40
CA THR A 134 7.82 -5.25 7.93
C THR A 134 7.35 -6.66 7.54
N TYR A 135 7.96 -7.68 8.12
CA TYR A 135 7.65 -9.07 7.69
C TYR A 135 6.49 -9.62 8.51
N TYR A 136 6.33 -9.15 9.75
CA TYR A 136 5.12 -9.58 10.51
C TYR A 136 3.85 -9.10 9.78
N SER A 137 3.87 -7.88 9.21
N SER A 137 3.86 -7.87 9.24
CA SER A 137 2.71 -7.27 8.48
CA SER A 137 2.66 -7.36 8.55
C SER A 137 2.43 -8.06 7.18
C SER A 137 2.41 -8.17 7.27
N ARG A 138 3.47 -8.62 6.59
CA ARG A 138 3.34 -9.42 5.33
C ARG A 138 2.89 -10.85 5.64
N SER A 139 2.94 -11.26 6.91
CA SER A 139 2.56 -12.61 7.37
C SER A 139 1.05 -12.66 7.59
N ALA A 140 0.29 -12.52 6.50
CA ALA A 140 -1.18 -12.51 6.61
C ALA A 140 -1.71 -13.88 7.07
N TRP A 141 -2.49 -13.89 8.13
N TRP A 141 -2.55 -13.82 8.11
CA TRP A 141 -3.12 -15.16 8.54
CA TRP A 141 -3.26 -15.00 8.70
C TRP A 141 -4.54 -15.26 7.95
C TRP A 141 -4.53 -15.25 7.89
N GLN A 142 -5.11 -16.46 8.00
CA GLN A 142 -6.46 -16.72 7.42
C GLN A 142 -6.51 -16.26 5.96
N VAL A 143 -5.48 -16.56 5.17
CA VAL A 143 -5.46 -16.10 3.76
C VAL A 143 -6.53 -16.82 2.93
N ALA A 144 -7.22 -16.06 2.09
CA ALA A 144 -8.24 -16.64 1.19
C ALA A 144 -7.89 -16.33 -0.27
N LYS A 145 -7.27 -15.18 -0.50
CA LYS A 145 -6.99 -14.73 -1.89
C LYS A 145 -5.58 -14.18 -2.00
N LEU A 146 -4.96 -14.37 -3.16
CA LEU A 146 -3.69 -13.73 -3.53
C LEU A 146 -3.93 -13.05 -4.87
N ILE A 147 -3.90 -11.73 -4.90
CA ILE A 147 -4.18 -10.96 -6.14
C ILE A 147 -2.84 -10.43 -6.65
N VAL A 148 -2.37 -10.97 -7.77
CA VAL A 148 -1.07 -10.57 -8.36
C VAL A 148 -1.25 -9.29 -9.18
N GLU A 149 -0.35 -8.33 -8.94
CA GLU A 149 -0.33 -7.06 -9.72
C GLU A 149 1.06 -6.91 -10.34
N ASN B 2 -27.23 -5.35 12.64
CA ASN B 2 -26.07 -6.17 12.20
C ASN B 2 -26.28 -6.55 10.72
N ALA B 3 -25.90 -7.78 10.34
CA ALA B 3 -25.98 -8.29 8.95
C ALA B 3 -27.25 -7.81 8.25
N GLY B 4 -27.10 -7.37 6.99
CA GLY B 4 -28.20 -6.86 6.16
C GLY B 4 -28.13 -7.40 4.74
N THR B 5 -29.13 -7.07 3.93
CA THR B 5 -29.19 -7.59 2.54
C THR B 5 -29.74 -6.53 1.57
N ILE B 6 -29.24 -6.58 0.33
N ILE B 6 -29.26 -6.64 0.33
CA ILE B 6 -29.74 -5.72 -0.78
CA ILE B 6 -29.57 -5.78 -0.84
C ILE B 6 -30.30 -6.68 -1.83
C ILE B 6 -30.25 -6.70 -1.87
N ALA B 7 -31.07 -6.17 -2.79
CA ALA B 7 -31.69 -7.07 -3.80
C ALA B 7 -30.61 -7.70 -4.70
N LYS B 8 -30.90 -8.90 -5.20
CA LYS B 8 -29.96 -9.61 -6.12
C LYS B 8 -30.05 -8.97 -7.49
N PRO B 9 -28.94 -8.94 -8.27
CA PRO B 9 -28.96 -8.38 -9.60
C PRO B 9 -29.77 -9.27 -10.55
N GLN B 10 -30.42 -8.66 -11.54
N GLN B 10 -30.41 -8.65 -11.53
CA GLN B 10 -31.19 -9.42 -12.55
CA GLN B 10 -31.21 -9.39 -12.56
C GLN B 10 -30.27 -9.72 -13.73
C GLN B 10 -30.30 -9.68 -13.76
N GLY B 11 -29.26 -8.87 -13.93
CA GLY B 11 -28.28 -9.04 -15.02
C GLY B 11 -26.92 -9.47 -14.50
N LYS B 12 -25.94 -9.55 -15.40
CA LYS B 12 -24.57 -9.95 -15.03
C LYS B 12 -23.96 -8.86 -14.14
N PRO B 13 -23.46 -9.20 -12.95
CA PRO B 13 -22.79 -8.20 -12.11
C PRO B 13 -21.63 -7.52 -12.85
N ILE B 14 -21.55 -6.19 -12.71
CA ILE B 14 -20.49 -5.33 -13.32
C ILE B 14 -19.55 -4.86 -12.20
N LEU B 15 -20.02 -4.95 -10.95
CA LEU B 15 -19.22 -4.49 -9.80
C LEU B 15 -19.49 -5.41 -8.63
N THR B 16 -18.44 -5.84 -7.96
CA THR B 16 -18.61 -6.62 -6.71
C THR B 16 -17.93 -5.86 -5.59
N ILE B 17 -18.69 -5.51 -4.56
CA ILE B 17 -18.11 -4.87 -3.36
C ILE B 17 -18.02 -5.95 -2.29
N SER B 18 -16.87 -6.05 -1.64
CA SER B 18 -16.67 -7.14 -0.66
C SER B 18 -15.86 -6.64 0.52
N GLY B 19 -15.56 -7.55 1.44
CA GLY B 19 -14.73 -7.19 2.60
C GLY B 19 -15.53 -6.71 3.80
N ASN B 20 -15.03 -5.65 4.41
CA ASN B 20 -15.53 -5.18 5.73
C ASN B 20 -16.82 -4.38 5.52
N ILE B 21 -17.89 -5.06 5.11
CA ILE B 21 -19.20 -4.42 4.80
C ILE B 21 -20.31 -5.11 5.59
N THR B 22 -21.47 -4.48 5.62
CA THR B 22 -22.62 -4.97 6.41
C THR B 22 -23.70 -5.64 5.55
N ASN B 23 -23.94 -5.11 4.35
CA ASN B 23 -25.10 -5.53 3.52
C ASN B 23 -24.60 -6.25 2.28
N THR B 24 -25.16 -7.45 2.04
CA THR B 24 -24.69 -8.33 0.96
C THR B 24 -25.87 -8.93 0.19
N ASN B 25 -25.58 -9.48 -0.98
CA ASN B 25 -26.61 -10.22 -1.78
C ASN B 25 -25.97 -11.49 -2.32
N ALA B 26 -24.82 -11.83 -1.77
CA ALA B 26 -24.05 -13.05 -2.13
C ALA B 26 -23.13 -13.33 -0.93
N GLU B 27 -22.51 -14.51 -0.89
CA GLU B 27 -21.64 -14.83 0.26
C GLU B 27 -20.54 -13.77 0.43
N GLY B 28 -20.68 -12.94 1.46
CA GLY B 28 -19.71 -11.89 1.84
C GLY B 28 -19.56 -10.80 0.79
N ALA B 29 -20.50 -10.67 -0.13
CA ALA B 29 -20.32 -9.66 -1.20
C ALA B 29 -21.64 -9.01 -1.61
N ALA B 30 -21.51 -7.80 -2.14
CA ALA B 30 -22.63 -7.03 -2.71
C ALA B 30 -22.35 -6.90 -4.21
N GLN B 31 -23.12 -7.63 -5.01
CA GLN B 31 -22.98 -7.66 -6.48
C GLN B 31 -23.97 -6.68 -7.08
N PHE B 32 -23.50 -5.84 -8.00
CA PHE B 32 -24.37 -4.84 -8.66
C PHE B 32 -24.30 -5.00 -10.16
N ASP B 33 -25.47 -5.08 -10.80
CA ASP B 33 -25.47 -5.00 -12.28
C ASP B 33 -25.54 -3.50 -12.60
N ARG B 34 -25.41 -3.15 -13.88
CA ARG B 34 -25.36 -1.72 -14.24
C ARG B 34 -26.69 -1.04 -13.91
N ASP B 35 -27.81 -1.74 -14.09
CA ASP B 35 -29.13 -1.12 -13.83
C ASP B 35 -29.21 -0.71 -12.34
N MET B 36 -28.72 -1.56 -11.45
CA MET B 36 -28.74 -1.25 -9.99
C MET B 36 -27.92 0.00 -9.73
N LEU B 37 -26.76 0.13 -10.37
CA LEU B 37 -25.93 1.32 -10.13
C LEU B 37 -26.66 2.58 -10.62
N GLU B 38 -27.21 2.54 -11.83
N GLU B 38 -27.21 2.55 -11.83
CA GLU B 38 -27.94 3.72 -12.37
CA GLU B 38 -27.92 3.77 -12.32
C GLU B 38 -29.15 4.06 -11.48
C GLU B 38 -29.12 4.08 -11.43
N ALA B 39 -29.80 3.05 -10.91
CA ALA B 39 -31.01 3.26 -10.07
C ALA B 39 -30.66 3.96 -8.75
N LEU B 40 -29.39 3.97 -8.35
CA LEU B 40 -29.01 4.65 -7.09
C LEU B 40 -29.00 6.18 -7.29
N GLY B 41 -29.13 6.62 -8.55
CA GLY B 41 -29.12 8.06 -8.85
C GLY B 41 -27.85 8.46 -9.54
N MET B 42 -27.95 9.09 -10.71
CA MET B 42 -26.74 9.50 -11.47
C MET B 42 -26.35 10.93 -11.06
N GLU B 43 -25.08 11.09 -10.68
CA GLU B 43 -24.42 12.38 -10.33
C GLU B 43 -23.56 12.77 -11.54
N THR B 44 -23.38 14.06 -11.78
CA THR B 44 -22.57 14.51 -12.93
C THR B 44 -21.29 15.19 -12.44
N VAL B 45 -20.17 14.85 -13.08
CA VAL B 45 -18.87 15.54 -12.83
C VAL B 45 -18.35 15.98 -14.20
N GLU B 46 -18.22 17.29 -14.40
CA GLU B 46 -17.61 17.80 -15.64
C GLU B 46 -16.21 18.29 -15.29
N THR B 47 -15.21 17.80 -16.01
CA THR B 47 -13.82 18.18 -15.65
C THR B 47 -12.85 17.82 -16.77
N THR B 48 -11.74 18.54 -16.81
CA THR B 48 -10.58 18.13 -17.64
C THR B 48 -9.91 17.01 -16.86
N THR B 49 -9.16 16.15 -17.55
CA THR B 49 -8.41 15.07 -16.87
C THR B 49 -7.05 14.94 -17.53
N PRO B 50 -6.10 14.20 -16.92
CA PRO B 50 -4.82 13.96 -17.59
C PRO B 50 -4.94 13.05 -18.82
N TRP B 51 -6.09 12.42 -19.03
CA TRP B 51 -6.20 11.34 -20.05
C TRP B 51 -7.20 11.67 -21.16
N HIS B 52 -7.91 12.79 -21.04
CA HIS B 52 -8.94 13.15 -22.05
C HIS B 52 -8.63 14.49 -22.69
N ASP B 53 -9.25 14.73 -23.85
CA ASP B 53 -9.08 16.00 -24.59
C ASP B 53 -10.16 16.98 -24.14
N GLY B 54 -9.75 18.05 -23.45
CA GLY B 54 -10.67 19.10 -23.01
C GLY B 54 -11.56 18.68 -21.87
N ARG B 55 -12.61 19.45 -21.62
CA ARG B 55 -13.54 19.16 -20.49
C ARG B 55 -14.50 18.07 -20.94
N VAL B 56 -14.61 17.01 -20.13
CA VAL B 56 -15.55 15.92 -20.50
C VAL B 56 -16.59 15.79 -19.39
N ARG B 57 -17.74 15.24 -19.75
CA ARG B 57 -18.86 15.07 -18.79
C ARG B 57 -18.95 13.61 -18.37
N PHE B 58 -18.78 13.36 -17.08
CA PHE B 58 -18.95 11.99 -16.54
C PHE B 58 -20.26 11.93 -15.76
N ASP B 59 -21.00 10.84 -15.95
CA ASP B 59 -22.23 10.60 -15.15
C ASP B 59 -22.06 9.27 -14.44
N GLY B 60 -22.41 9.22 -13.16
CA GLY B 60 -22.25 7.94 -12.46
C GLY B 60 -22.78 7.99 -11.04
N VAL B 61 -22.43 6.99 -10.26
CA VAL B 61 -22.98 6.86 -8.89
C VAL B 61 -22.01 7.43 -7.86
N SER B 62 -22.55 8.15 -6.89
CA SER B 62 -21.74 8.66 -5.76
C SER B 62 -21.06 7.49 -5.05
N LEU B 63 -19.74 7.55 -4.89
CA LEU B 63 -19.07 6.46 -4.14
C LEU B 63 -19.40 6.53 -2.65
N ALA B 64 -19.65 7.72 -2.12
CA ALA B 64 -20.12 7.82 -0.72
C ALA B 64 -21.46 7.06 -0.58
N LYS B 65 -22.32 7.19 -1.59
CA LYS B 65 -23.64 6.49 -1.54
C LYS B 65 -23.41 4.98 -1.60
N LEU B 66 -22.54 4.51 -2.48
CA LEU B 66 -22.27 3.06 -2.56
C LEU B 66 -21.74 2.53 -1.22
N MET B 67 -20.82 3.26 -0.59
CA MET B 67 -20.29 2.78 0.70
C MET B 67 -21.43 2.76 1.74
N ASP B 68 -22.35 3.72 1.69
CA ASP B 68 -23.47 3.74 2.66
C ASP B 68 -24.41 2.54 2.40
N ILE B 69 -24.66 2.25 1.12
N ILE B 69 -24.67 2.24 1.13
CA ILE B 69 -25.58 1.15 0.69
CA ILE B 69 -25.64 1.14 0.81
C ILE B 69 -25.06 -0.18 1.23
C ILE B 69 -25.07 -0.21 1.25
N VAL B 70 -23.76 -0.43 1.12
CA VAL B 70 -23.20 -1.74 1.56
C VAL B 70 -22.88 -1.69 3.07
N GLY B 71 -23.06 -0.54 3.70
CA GLY B 71 -22.71 -0.40 5.13
C GLY B 71 -21.22 -0.65 5.34
N ALA B 72 -20.38 0.03 4.58
CA ALA B 72 -18.91 -0.11 4.75
C ALA B 72 -18.53 0.21 6.19
N LYS B 73 -17.78 -0.68 6.83
CA LYS B 73 -17.36 -0.54 8.24
C LYS B 73 -15.91 -0.07 8.31
N GLY B 74 -15.15 -0.33 7.25
CA GLY B 74 -13.73 0.04 7.22
C GLY B 74 -13.52 1.46 6.74
N THR B 75 -12.27 1.91 6.81
CA THR B 75 -11.91 3.30 6.46
C THR B 75 -11.18 3.38 5.14
N SER B 76 -11.04 2.25 4.45
N SER B 76 -10.97 2.23 4.48
CA SER B 76 -10.43 2.33 3.11
CA SER B 76 -10.14 2.10 3.26
C SER B 76 -11.10 1.31 2.21
C SER B 76 -10.82 1.16 2.25
N VAL B 77 -10.83 1.48 0.94
CA VAL B 77 -11.42 0.56 -0.08
C VAL B 77 -10.37 0.39 -1.17
N THR B 78 -10.19 -0.85 -1.61
CA THR B 78 -9.20 -1.15 -2.66
C THR B 78 -9.94 -1.45 -3.96
N ALA B 79 -9.68 -0.62 -4.96
CA ALA B 79 -10.24 -0.86 -6.30
C ALA B 79 -9.36 -1.89 -6.99
N VAL B 80 -9.98 -2.89 -7.61
CA VAL B 80 -9.27 -3.89 -8.44
C VAL B 80 -9.86 -3.80 -9.85
N ALA B 81 -9.01 -3.58 -10.84
CA ALA B 81 -9.46 -3.31 -12.22
C ALA B 81 -9.28 -4.51 -13.15
N LEU B 82 -9.91 -4.40 -14.33
CA LEU B 82 -9.90 -5.49 -15.32
C LEU B 82 -8.52 -5.73 -15.91
N ASN B 83 -7.62 -4.74 -15.88
CA ASN B 83 -6.23 -4.96 -16.35
C ASN B 83 -5.29 -4.96 -15.13
N ASP B 84 -5.85 -5.38 -13.98
CA ASP B 84 -5.09 -5.82 -12.79
C ASP B 84 -4.52 -4.68 -11.94
N TYR B 85 -4.93 -3.45 -12.20
CA TYR B 85 -4.51 -2.37 -11.28
C TYR B 85 -5.16 -2.57 -9.91
N VAL B 86 -4.41 -2.26 -8.86
CA VAL B 86 -4.87 -2.29 -7.44
C VAL B 86 -4.64 -0.88 -6.89
N SER B 87 -5.68 -0.25 -6.35
CA SER B 87 -5.51 1.12 -5.82
C SER B 87 -6.28 1.24 -4.51
N THR B 88 -5.56 1.57 -3.44
CA THR B 88 -6.22 1.75 -2.13
C THR B 88 -6.66 3.21 -1.99
N ILE B 89 -7.91 3.41 -1.64
CA ILE B 89 -8.51 4.78 -1.54
C ILE B 89 -9.08 4.97 -0.14
N PRO B 90 -8.69 6.02 0.60
CA PRO B 90 -9.33 6.29 1.87
C PRO B 90 -10.80 6.64 1.60
N ILE B 91 -11.72 6.04 2.34
CA ILE B 91 -13.17 6.28 2.05
C ILE B 91 -13.53 7.75 2.34
N GLU B 92 -12.79 8.42 3.21
CA GLU B 92 -13.11 9.84 3.51
C GLU B 92 -13.05 10.67 2.22
N ASP B 93 -12.23 10.28 1.24
CA ASP B 93 -12.17 11.05 -0.04
C ASP B 93 -13.56 11.19 -0.65
N PHE B 94 -14.37 10.13 -0.54
CA PHE B 94 -15.73 10.14 -1.15
C PHE B 94 -16.67 11.15 -0.47
N LYS B 95 -16.39 11.52 0.77
CA LYS B 95 -17.25 12.48 1.53
C LYS B 95 -16.71 13.90 1.34
N LYS B 96 -15.41 14.04 1.09
CA LYS B 96 -14.83 15.40 0.95
C LYS B 96 -15.06 15.98 -0.43
N PHE B 97 -15.08 15.12 -1.45
CA PHE B 97 -15.25 15.57 -2.85
C PHE B 97 -16.42 14.80 -3.50
N ASN B 98 -16.95 15.33 -4.61
CA ASN B 98 -18.06 14.63 -5.31
C ASN B 98 -17.45 13.48 -6.11
N VAL B 99 -16.85 12.49 -5.44
CA VAL B 99 -16.17 11.36 -6.15
C VAL B 99 -17.26 10.42 -6.67
N ILE B 100 -17.21 10.10 -7.96
CA ILE B 100 -18.22 9.17 -8.54
C ILE B 100 -17.56 7.95 -9.15
N LEU B 101 -18.34 6.87 -9.19
CA LEU B 101 -17.96 5.73 -10.05
C LEU B 101 -18.66 6.01 -11.38
N ALA B 102 -17.91 6.58 -12.33
CA ALA B 102 -18.46 7.00 -13.64
C ALA B 102 -18.93 5.79 -14.46
N ILE B 103 -20.10 5.94 -15.08
CA ILE B 103 -20.77 4.89 -15.91
C ILE B 103 -20.88 5.44 -17.34
N LYS B 104 -21.01 6.76 -17.47
CA LYS B 104 -21.11 7.35 -18.82
C LYS B 104 -20.07 8.44 -18.99
N LEU B 105 -19.57 8.54 -20.23
N LEU B 105 -19.60 8.59 -20.23
CA LEU B 105 -18.62 9.60 -20.66
CA LEU B 105 -18.60 9.61 -20.63
C LEU B 105 -19.27 10.31 -21.85
C LEU B 105 -19.17 10.33 -21.86
N ASP B 106 -19.46 11.62 -21.74
CA ASP B 106 -20.08 12.42 -22.83
C ASP B 106 -21.40 11.75 -23.28
N GLY B 107 -22.16 11.24 -22.30
CA GLY B 107 -23.51 10.67 -22.51
C GLY B 107 -23.53 9.25 -23.02
N ASN B 108 -22.38 8.58 -23.12
CA ASN B 108 -22.38 7.19 -23.64
C ASN B 108 -21.68 6.24 -22.67
N TYR B 109 -22.07 4.97 -22.72
CA TYR B 109 -21.35 3.95 -21.91
C TYR B 109 -19.90 3.88 -22.39
N MET B 110 -19.04 3.29 -21.54
CA MET B 110 -17.59 3.17 -21.85
C MET B 110 -17.23 1.71 -22.04
N THR B 111 -16.61 1.38 -23.17
CA THR B 111 -16.03 0.04 -23.35
C THR B 111 -14.79 -0.05 -22.44
N VAL B 112 -14.28 -1.27 -22.26
CA VAL B 112 -13.01 -1.42 -21.50
C VAL B 112 -11.90 -0.60 -22.18
N ARG B 113 -11.84 -0.59 -23.51
CA ARG B 113 -10.79 0.21 -24.20
C ARG B 113 -10.93 1.71 -23.84
N GLU B 114 -12.16 2.16 -23.60
CA GLU B 114 -12.45 3.58 -23.24
C GLU B 114 -12.29 3.80 -21.72
N LYS B 115 -11.63 2.87 -21.02
CA LYS B 115 -11.35 2.94 -19.56
C LYS B 115 -12.58 2.56 -18.71
N GLY B 116 -13.56 1.92 -19.34
CA GLY B 116 -14.76 1.49 -18.61
C GLY B 116 -14.72 0.02 -18.20
N PRO B 117 -15.88 -0.54 -17.83
CA PRO B 117 -17.17 0.17 -17.85
C PRO B 117 -17.41 1.15 -16.68
N LEU B 118 -16.55 1.07 -15.68
CA LEU B 118 -16.65 1.87 -14.43
C LEU B 118 -15.30 2.52 -14.18
N PHE B 119 -15.32 3.78 -13.75
CA PHE B 119 -14.08 4.57 -13.66
C PHE B 119 -14.21 5.51 -12.46
N VAL B 120 -13.32 5.41 -11.47
CA VAL B 120 -13.36 6.34 -10.32
C VAL B 120 -12.92 7.72 -10.82
N ILE B 121 -13.79 8.71 -10.66
CA ILE B 121 -13.54 10.09 -11.14
C ILE B 121 -13.72 11.08 -10.00
N TYR B 122 -12.72 11.94 -9.82
CA TYR B 122 -12.77 13.09 -8.89
C TYR B 122 -13.01 14.33 -9.74
N PRO B 123 -13.63 15.40 -9.18
CA PRO B 123 -13.84 16.63 -9.95
C PRO B 123 -12.53 17.46 -9.97
N TYR B 124 -11.55 17.01 -10.77
CA TYR B 124 -10.18 17.60 -10.71
C TYR B 124 -10.20 19.11 -10.91
N ASP B 125 -10.94 19.62 -11.89
CA ASP B 125 -10.74 21.07 -12.18
C ASP B 125 -11.52 21.95 -11.19
N SER B 126 -12.25 21.35 -10.23
CA SER B 126 -13.02 22.11 -9.22
C SER B 126 -12.16 22.58 -8.04
N ASP B 127 -10.96 22.01 -7.88
CA ASP B 127 -10.11 22.30 -6.69
C ASP B 127 -8.66 21.99 -7.03
N PRO B 128 -7.73 22.97 -6.94
CA PRO B 128 -6.32 22.69 -7.23
C PRO B 128 -5.76 21.52 -6.40
N GLU B 129 -6.31 21.27 -5.21
CA GLU B 129 -5.84 20.14 -4.35
C GLU B 129 -6.01 18.81 -5.10
N LEU B 130 -7.00 18.72 -6.00
CA LEU B 130 -7.30 17.44 -6.72
C LEU B 130 -6.44 17.24 -7.98
N GLN B 131 -5.74 18.29 -8.44
N GLN B 131 -5.80 18.32 -8.45
CA GLN B 131 -4.96 18.19 -9.71
CA GLN B 131 -4.93 18.24 -9.65
C GLN B 131 -3.55 17.70 -9.36
C GLN B 131 -3.56 17.78 -9.19
N LYS B 132 -3.48 16.53 -8.73
CA LYS B 132 -2.23 15.96 -8.19
C LYS B 132 -2.23 14.46 -8.43
N GLN B 133 -1.03 13.90 -8.53
CA GLN B 133 -0.91 12.45 -8.77
C GLN B 133 -1.59 11.63 -7.66
N THR B 134 -1.66 12.14 -6.43
CA THR B 134 -2.37 11.42 -5.35
C THR B 134 -3.77 11.01 -5.83
N TYR B 135 -4.51 11.96 -6.41
CA TYR B 135 -5.91 11.69 -6.82
C TYR B 135 -5.94 10.98 -8.18
N TYR B 136 -4.96 11.24 -9.05
CA TYR B 136 -4.96 10.53 -10.34
C TYR B 136 -4.76 9.02 -10.08
N SER B 137 -3.92 8.67 -9.11
N SER B 137 -3.92 8.67 -9.10
CA SER B 137 -3.60 7.26 -8.75
CA SER B 137 -3.63 7.24 -8.78
C SER B 137 -4.84 6.60 -8.14
C SER B 137 -4.87 6.59 -8.17
N ARG B 138 -5.66 7.37 -7.42
CA ARG B 138 -6.91 6.85 -6.79
C ARG B 138 -8.02 6.73 -7.84
N SER B 139 -7.82 7.32 -9.01
CA SER B 139 -8.84 7.32 -10.08
C SER B 139 -8.71 6.04 -10.90
N ALA B 140 -8.96 4.91 -10.27
CA ALA B 140 -8.85 3.61 -10.97
C ALA B 140 -9.82 3.49 -12.14
N TRP B 141 -9.31 3.21 -13.33
N TRP B 141 -9.26 3.11 -13.30
CA TRP B 141 -10.24 2.94 -14.45
CA TRP B 141 -9.98 2.84 -14.57
C TRP B 141 -10.48 1.44 -14.59
C TRP B 141 -10.49 1.39 -14.55
N GLN B 142 -11.47 1.09 -15.40
CA GLN B 142 -11.85 -0.34 -15.63
C GLN B 142 -12.11 -1.08 -14.31
N VAL B 143 -12.84 -0.45 -13.39
CA VAL B 143 -13.07 -1.08 -12.07
C VAL B 143 -13.97 -2.32 -12.20
N ALA B 144 -13.62 -3.36 -11.46
CA ALA B 144 -14.43 -4.59 -11.37
C ALA B 144 -14.81 -4.85 -9.91
N LYS B 145 -13.89 -4.55 -9.00
CA LYS B 145 -14.12 -4.90 -7.57
C LYS B 145 -13.75 -3.73 -6.66
N LEU B 146 -14.46 -3.62 -5.54
CA LEU B 146 -14.09 -2.69 -4.45
C LEU B 146 -14.02 -3.53 -3.17
N ILE B 147 -12.83 -3.61 -2.59
CA ILE B 147 -12.64 -4.45 -1.37
C ILE B 147 -12.46 -3.51 -0.18
N VAL B 148 -13.42 -3.53 0.73
CA VAL B 148 -13.38 -2.61 1.90
C VAL B 148 -12.54 -3.25 2.99
N GLU B 149 -11.65 -2.45 3.59
CA GLU B 149 -10.85 -2.93 4.73
C GLU B 149 -11.05 -1.97 5.90
N ASN C 2 29.69 -4.49 6.05
CA ASN C 2 28.41 -3.95 6.66
C ASN C 2 28.20 -2.50 6.21
N ALA C 3 27.51 -1.70 7.02
CA ALA C 3 27.19 -0.27 6.70
C ALA C 3 28.37 0.41 6.00
N GLY C 4 28.07 1.14 4.91
CA GLY C 4 29.08 1.84 4.10
C GLY C 4 28.76 3.32 3.91
N THR C 5 29.56 3.99 3.06
CA THR C 5 29.38 5.44 2.85
C THR C 5 29.63 5.87 1.39
N ILE C 6 28.87 6.88 1.00
N ILE C 6 28.82 6.82 0.92
CA ILE C 6 28.84 7.57 -0.33
CA ILE C 6 29.03 7.46 -0.41
C ILE C 6 29.37 8.98 -0.09
C ILE C 6 29.48 8.88 -0.10
N ALA C 7 29.97 9.64 -1.08
CA ALA C 7 30.45 11.01 -0.85
C ALA C 7 29.29 11.94 -0.47
N LYS C 8 29.57 12.97 0.34
CA LYS C 8 28.55 14.00 0.64
C LYS C 8 28.30 14.84 -0.60
N PRO C 9 27.07 15.36 -0.80
CA PRO C 9 26.80 16.26 -1.91
C PRO C 9 27.48 17.61 -1.68
N GLN C 10 27.93 18.23 -2.77
CA GLN C 10 28.55 19.58 -2.67
C GLN C 10 27.47 20.66 -2.77
N GLY C 11 26.25 20.31 -3.18
CA GLY C 11 25.15 21.27 -3.27
C GLY C 11 23.96 20.80 -2.46
N LYS C 12 22.86 21.55 -2.54
CA LYS C 12 21.64 21.08 -1.83
C LYS C 12 21.17 19.77 -2.43
N PRO C 13 20.80 18.78 -1.60
CA PRO C 13 20.28 17.54 -2.14
C PRO C 13 18.94 17.74 -2.83
N ILE C 14 18.71 16.98 -3.91
CA ILE C 14 17.40 16.98 -4.62
C ILE C 14 16.75 15.61 -4.46
N LEU C 15 17.49 14.65 -3.90
CA LEU C 15 16.93 13.29 -3.68
C LEU C 15 17.50 12.73 -2.39
N THR C 16 16.64 12.19 -1.54
CA THR C 16 17.11 11.53 -0.30
C THR C 16 16.60 10.10 -0.33
N ILE C 17 17.51 9.15 -0.27
CA ILE C 17 17.14 7.70 -0.23
C ILE C 17 17.37 7.28 1.21
N SER C 18 16.37 6.63 1.81
CA SER C 18 16.49 6.29 3.24
C SER C 18 15.90 4.91 3.49
N GLY C 19 15.93 4.48 4.76
CA GLY C 19 15.29 3.22 5.12
C GLY C 19 16.24 2.05 5.14
N ASN C 20 15.78 0.95 4.56
CA ASN C 20 16.48 -0.36 4.64
C ASN C 20 17.61 -0.40 3.60
N ILE C 21 18.62 0.43 3.84
CA ILE C 21 19.78 0.57 2.91
C ILE C 21 21.07 0.38 3.69
N THR C 22 22.15 0.22 2.95
CA THR C 22 23.47 -0.10 3.54
C THR C 22 24.42 1.11 3.55
N ASN C 23 24.39 1.91 2.48
CA ASN C 23 25.38 2.99 2.29
C ASN C 23 24.74 4.36 2.44
N THR C 24 25.32 5.20 3.29
CA THR C 24 24.71 6.51 3.60
C THR C 24 25.76 7.61 3.57
N ASN C 25 25.32 8.86 3.53
CA ASN C 25 26.27 10.00 3.62
C ASN C 25 25.73 11.00 4.65
N ALA C 26 24.57 10.72 5.22
CA ALA C 26 23.89 11.47 6.30
C ALA C 26 23.31 10.44 7.29
N GLU C 27 22.86 10.87 8.47
CA GLU C 27 22.34 9.87 9.44
C GLU C 27 21.19 9.08 8.80
N GLY C 28 21.43 7.78 8.55
CA GLY C 28 20.45 6.83 8.00
C GLY C 28 20.00 7.19 6.59
N ALA C 29 20.69 8.09 5.89
CA ALA C 29 20.21 8.42 4.53
C ALA C 29 21.35 8.65 3.53
N ALA C 30 21.02 8.47 2.26
CA ALA C 30 21.91 8.71 1.10
C ALA C 30 21.33 9.91 0.35
N GLN C 31 21.99 11.06 0.49
CA GLN C 31 21.53 12.32 -0.15
C GLN C 31 22.28 12.54 -1.46
N PHE C 32 21.57 12.92 -2.50
CA PHE C 32 22.19 13.16 -3.83
C PHE C 32 21.81 14.54 -4.37
N ASP C 33 22.81 15.28 -4.85
CA ASP C 33 22.50 16.48 -5.68
C ASP C 33 22.44 15.99 -7.14
N ARG C 34 22.04 16.87 -8.06
CA ARG C 34 21.87 16.46 -9.48
C ARG C 34 23.21 15.99 -10.08
N ASP C 35 24.32 16.66 -9.73
N ASP C 35 24.31 16.65 -9.70
CA ASP C 35 25.63 16.24 -10.30
CA ASP C 35 25.64 16.30 -10.24
C ASP C 35 25.94 14.80 -9.89
C ASP C 35 25.98 14.85 -9.87
N MET C 36 25.68 14.43 -8.63
CA MET C 36 25.97 13.04 -8.18
C MET C 36 25.13 12.05 -8.99
N LEU C 37 23.87 12.39 -9.26
CA LEU C 37 23.02 11.47 -10.04
C LEU C 37 23.56 11.35 -11.47
N GLU C 38 23.86 12.47 -12.12
N GLU C 38 23.87 12.47 -12.11
CA GLU C 38 24.36 12.37 -13.52
CA GLU C 38 24.39 12.45 -13.51
C GLU C 38 25.67 11.59 -13.57
C GLU C 38 25.70 11.66 -13.59
N ALA C 39 26.52 11.72 -12.55
CA ALA C 39 27.84 11.03 -12.55
C ALA C 39 27.66 9.51 -12.54
N LEU C 40 26.49 9.02 -12.16
CA LEU C 40 26.26 7.54 -12.11
C LEU C 40 26.09 6.98 -13.52
N GLY C 41 25.93 7.86 -14.52
CA GLY C 41 25.75 7.42 -15.91
C GLY C 41 24.31 7.61 -16.34
N MET C 42 24.10 8.24 -17.49
CA MET C 42 22.73 8.53 -17.99
C MET C 42 22.29 7.45 -18.99
N GLU C 43 21.12 6.86 -18.75
CA GLU C 43 20.45 5.88 -19.65
C GLU C 43 19.39 6.65 -20.43
N THR C 44 19.04 6.16 -21.62
CA THR C 44 18.01 6.85 -22.43
C THR C 44 16.79 5.96 -22.60
N VAL C 45 15.60 6.56 -22.45
CA VAL C 45 14.32 5.86 -22.70
C VAL C 45 13.51 6.73 -23.66
N GLU C 46 13.15 6.19 -24.83
N GLU C 46 13.18 6.20 -24.85
CA GLU C 46 12.31 6.93 -25.80
CA GLU C 46 12.31 6.92 -25.81
C GLU C 46 10.93 6.27 -25.81
C GLU C 46 10.94 6.26 -25.78
N THR C 47 9.90 7.02 -25.46
CA THR C 47 8.56 6.44 -25.35
C THR C 47 7.49 7.52 -25.29
N THR C 48 6.27 7.20 -25.72
N THR C 48 6.28 7.10 -25.64
CA THR C 48 5.19 8.15 -25.37
CA THR C 48 5.04 7.86 -25.42
C THR C 48 4.77 7.76 -23.95
C THR C 48 4.65 7.66 -23.96
N THR C 49 3.89 8.57 -23.38
CA THR C 49 3.37 8.37 -22.01
C THR C 49 1.95 8.89 -22.03
N PRO C 50 1.15 8.65 -20.97
CA PRO C 50 -0.20 9.21 -20.90
C PRO C 50 -0.18 10.73 -20.73
N TRP C 51 0.98 11.30 -20.44
CA TRP C 51 1.05 12.74 -20.07
C TRP C 51 1.85 13.58 -21.08
N HIS C 52 2.45 12.95 -22.08
CA HIS C 52 3.28 13.70 -23.04
C HIS C 52 2.71 13.51 -24.43
N ASP C 53 2.87 14.51 -25.29
CA ASP C 53 2.34 14.44 -26.68
C ASP C 53 3.41 13.76 -27.56
N GLY C 54 3.08 12.59 -28.07
CA GLY C 54 3.99 11.85 -28.97
C GLY C 54 5.15 11.19 -28.23
N ARG C 55 6.10 10.65 -28.99
CA ARG C 55 7.25 9.97 -28.36
C ARG C 55 8.23 11.03 -27.86
N VAL C 56 8.66 10.89 -26.61
CA VAL C 56 9.66 11.84 -26.07
C VAL C 56 10.89 11.06 -25.62
N ARG C 57 12.00 11.78 -25.47
CA ARG C 57 13.27 11.14 -25.06
C ARG C 57 13.59 11.53 -23.62
N PHE C 58 13.69 10.54 -22.76
CA PHE C 58 14.08 10.80 -21.36
C PHE C 58 15.51 10.30 -21.15
N ASP C 59 16.30 11.10 -20.44
CA ASP C 59 17.65 10.64 -20.01
C ASP C 59 17.68 10.69 -18.48
N GLY C 60 18.22 9.64 -17.87
CA GLY C 60 18.26 9.62 -16.41
C GLY C 60 19.08 8.46 -15.89
N VAL C 61 19.07 8.29 -14.57
N VAL C 61 19.04 8.28 -14.58
CA VAL C 61 19.88 7.23 -13.93
CA VAL C 61 19.83 7.23 -13.90
C VAL C 61 19.03 5.97 -13.76
C VAL C 61 19.01 5.95 -13.77
N SER C 62 19.64 4.81 -14.03
CA SER C 62 19.00 3.50 -13.82
C SER C 62 18.59 3.38 -12.35
N LEU C 63 17.33 3.08 -12.08
CA LEU C 63 16.94 2.94 -10.65
C LEU C 63 17.54 1.67 -10.06
N ALA C 64 17.80 0.66 -10.88
CA ALA C 64 18.49 -0.54 -10.37
C ALA C 64 19.89 -0.11 -9.92
N LYS C 65 20.54 0.76 -10.69
CA LYS C 65 21.91 1.19 -10.29
C LYS C 65 21.85 2.01 -9.00
N LEU C 66 20.86 2.89 -8.86
CA LEU C 66 20.74 3.68 -7.61
C LEU C 66 20.52 2.75 -6.42
N MET C 67 19.67 1.74 -6.58
CA MET C 67 19.43 0.80 -5.46
C MET C 67 20.74 0.04 -5.13
N ASP C 68 21.52 -0.32 -6.14
CA ASP C 68 22.81 -1.01 -5.90
C ASP C 68 23.78 -0.07 -5.15
N ILE C 69 23.83 1.20 -5.56
N ILE C 69 23.85 1.20 -5.55
CA ILE C 69 24.75 2.22 -4.96
CA ILE C 69 24.83 2.13 -4.90
C ILE C 69 24.47 2.34 -3.46
C ILE C 69 24.48 2.35 -3.43
N VAL C 70 23.19 2.41 -3.08
CA VAL C 70 22.84 2.59 -1.64
C VAL C 70 22.79 1.24 -0.91
N GLY C 71 22.96 0.13 -1.65
CA GLY C 71 22.86 -1.18 -1.00
C GLY C 71 21.47 -1.42 -0.44
N ALA C 72 20.44 -1.20 -1.26
CA ALA C 72 19.05 -1.46 -0.84
C ALA C 72 18.95 -2.93 -0.39
N LYS C 73 18.44 -3.15 0.81
CA LYS C 73 18.28 -4.52 1.37
C LYS C 73 16.82 -4.96 1.26
N GLY C 74 15.90 -4.01 1.19
CA GLY C 74 14.47 -4.35 1.12
C GLY C 74 14.01 -4.64 -0.30
N THR C 75 12.78 -5.11 -0.40
CA THR C 75 12.19 -5.51 -1.71
C THR C 75 11.18 -4.49 -2.22
N SER C 76 11.01 -3.38 -1.49
N SER C 76 10.93 -3.42 -1.44
CA SER C 76 10.13 -2.34 -2.05
CA SER C 76 9.88 -2.40 -1.73
C SER C 76 10.73 -0.99 -1.75
C SER C 76 10.48 -0.98 -1.54
N VAL C 77 10.18 -0.01 -2.43
CA VAL C 77 10.67 1.38 -2.24
C VAL C 77 9.45 2.29 -2.41
N THR C 78 9.32 3.24 -1.50
CA THR C 78 8.21 4.21 -1.57
C THR C 78 8.75 5.54 -2.10
N ALA C 79 8.23 5.98 -3.23
CA ALA C 79 8.58 7.31 -3.75
C ALA C 79 7.68 8.33 -3.09
N VAL C 80 8.27 9.44 -2.66
CA VAL C 80 7.49 10.56 -2.08
C VAL C 80 7.83 11.79 -2.89
N ALA C 81 6.80 12.46 -3.40
CA ALA C 81 6.98 13.58 -4.34
C ALA C 81 6.86 14.95 -3.65
N LEU C 82 7.30 15.98 -4.36
CA LEU C 82 7.21 17.37 -3.87
C LEU C 82 5.75 17.75 -3.58
N ASN C 83 4.77 17.26 -4.37
N ASN C 83 4.83 17.20 -4.38
CA ASN C 83 3.35 17.61 -4.11
CA ASN C 83 3.36 17.46 -4.31
C ASN C 83 2.66 16.47 -3.34
C ASN C 83 2.68 16.54 -3.29
N ASP C 84 3.45 15.73 -2.56
CA ASP C 84 2.95 14.80 -1.50
C ASP C 84 2.44 13.44 -2.02
N TYR C 85 2.58 13.16 -3.31
CA TYR C 85 2.23 11.80 -3.77
C TYR C 85 3.12 10.77 -3.08
N VAL C 86 2.54 9.61 -2.76
CA VAL C 86 3.25 8.46 -2.15
C VAL C 86 2.96 7.25 -3.06
N SER C 87 4.01 6.62 -3.57
CA SER C 87 3.80 5.44 -4.45
C SER C 87 4.76 4.33 -4.05
N THR C 88 4.23 3.17 -3.67
CA THR C 88 5.10 2.01 -3.33
C THR C 88 5.42 1.22 -4.61
N ILE C 89 6.70 0.99 -4.85
CA ILE C 89 7.16 0.29 -6.08
C ILE C 89 7.96 -0.94 -5.68
N PRO C 90 7.62 -2.15 -6.17
CA PRO C 90 8.48 -3.31 -5.94
C PRO C 90 9.83 -3.08 -6.63
N ILE C 91 10.92 -3.26 -5.90
CA ILE C 91 12.27 -2.99 -6.47
C ILE C 91 12.53 -3.89 -7.67
N GLU C 92 11.92 -5.09 -7.73
N GLU C 92 11.88 -5.06 -7.72
CA GLU C 92 12.16 -5.98 -8.88
CA GLU C 92 12.10 -5.98 -8.87
C GLU C 92 11.80 -5.25 -10.19
C GLU C 92 11.73 -5.31 -10.19
N ASP C 93 10.84 -4.32 -10.17
CA ASP C 93 10.46 -3.60 -11.42
C ASP C 93 11.71 -2.98 -12.06
N PHE C 94 12.63 -2.48 -11.24
CA PHE C 94 13.85 -1.82 -11.76
C PHE C 94 14.77 -2.81 -12.49
N LYS C 95 14.76 -4.09 -12.13
CA LYS C 95 15.61 -5.11 -12.80
C LYS C 95 14.89 -5.67 -14.02
N LYS C 96 13.58 -5.81 -13.95
CA LYS C 96 12.82 -6.40 -15.09
C LYS C 96 12.73 -5.45 -16.27
N PHE C 97 12.65 -4.14 -15.99
CA PHE C 97 12.47 -3.13 -17.06
C PHE C 97 13.59 -2.08 -16.92
N ASN C 98 13.91 -1.35 -17.98
CA ASN C 98 14.96 -0.32 -17.87
C ASN C 98 14.34 0.91 -17.19
N VAL C 99 13.91 0.77 -15.93
CA VAL C 99 13.24 1.93 -15.24
C VAL C 99 14.31 2.96 -14.89
N ILE C 100 14.05 4.22 -15.23
CA ILE C 100 15.04 5.28 -14.91
C ILE C 100 14.40 6.34 -14.00
N LEU C 101 15.26 7.02 -13.27
CA LEU C 101 14.86 8.26 -12.59
C LEU C 101 15.26 9.35 -13.59
N ALA C 102 14.28 9.78 -14.40
CA ALA C 102 14.55 10.73 -15.50
C ALA C 102 14.95 12.09 -14.95
N ILE C 103 15.92 12.69 -15.62
CA ILE C 103 16.52 14.01 -15.27
C ILE C 103 16.34 14.96 -16.45
N LYS C 104 16.31 14.42 -17.67
CA LYS C 104 16.14 15.30 -18.86
C LYS C 104 15.00 14.78 -19.71
N LEU C 105 14.33 15.71 -20.39
CA LEU C 105 13.22 15.44 -21.33
C LEU C 105 13.57 16.17 -22.63
N ASP C 106 13.71 15.43 -23.73
CA ASP C 106 14.11 16.01 -25.04
C ASP C 106 15.35 16.89 -24.89
N GLY C 107 16.32 16.42 -24.10
CA GLY C 107 17.65 17.05 -23.97
C GLY C 107 17.74 18.22 -22.99
N ASN C 108 16.63 18.55 -22.32
N ASN C 108 16.64 18.51 -22.30
CA ASN C 108 16.65 19.67 -21.34
CA ASN C 108 16.63 19.64 -21.33
C ASN C 108 16.25 19.18 -19.95
C ASN C 108 16.23 19.17 -19.93
N TYR C 109 16.76 19.84 -18.91
CA TYR C 109 16.36 19.50 -17.52
C TYR C 109 14.87 19.79 -17.39
N MET C 110 14.17 18.98 -16.60
CA MET C 110 12.72 19.17 -16.43
C MET C 110 12.45 20.15 -15.30
N THR C 111 11.72 21.21 -15.60
CA THR C 111 11.32 22.16 -14.53
C THR C 111 10.33 21.47 -13.60
N VAL C 112 10.07 22.07 -12.44
CA VAL C 112 9.04 21.51 -11.53
C VAL C 112 7.69 21.48 -12.26
N ARG C 113 7.40 22.52 -13.03
CA ARG C 113 6.09 22.58 -13.77
C ARG C 113 6.03 21.43 -14.79
N GLU C 114 7.18 20.99 -15.29
CA GLU C 114 7.25 19.89 -16.28
C GLU C 114 7.34 18.53 -15.57
N LYS C 115 6.99 18.45 -14.28
CA LYS C 115 6.96 17.18 -13.52
C LYS C 115 8.36 16.77 -13.05
N GLY C 116 9.32 17.70 -13.07
CA GLY C 116 10.68 17.39 -12.60
C GLY C 116 10.91 17.90 -11.17
N PRO C 117 12.17 17.95 -10.71
CA PRO C 117 13.32 17.64 -11.55
C PRO C 117 13.57 16.15 -11.78
N LEU C 118 12.94 15.28 -10.99
CA LEU C 118 13.14 13.82 -11.08
C LEU C 118 11.79 13.15 -11.29
N PHE C 119 11.75 12.16 -12.18
CA PHE C 119 10.49 11.53 -12.61
C PHE C 119 10.75 10.04 -12.83
N VAL C 120 10.10 9.16 -12.09
CA VAL C 120 10.24 7.69 -12.37
C VAL C 120 9.57 7.38 -13.71
N ILE C 121 10.36 6.86 -14.65
CA ILE C 121 9.87 6.57 -16.02
C ILE C 121 10.16 5.12 -16.38
N TYR C 122 9.11 4.42 -16.79
CA TYR C 122 9.24 3.06 -17.34
C TYR C 122 9.27 3.18 -18.85
N PRO C 123 9.91 2.25 -19.58
CA PRO C 123 9.93 2.28 -21.05
C PRO C 123 8.60 1.73 -21.60
N TYR C 124 7.51 2.50 -21.43
CA TYR C 124 6.14 1.99 -21.73
C TYR C 124 6.01 1.37 -23.11
N ASP C 125 6.58 2.02 -24.12
CA ASP C 125 6.39 1.57 -25.52
C ASP C 125 7.17 0.27 -25.81
N SER C 126 8.10 -0.11 -24.93
CA SER C 126 8.96 -1.30 -25.19
C SER C 126 8.21 -2.60 -24.88
N ASP C 127 7.06 -2.53 -24.20
CA ASP C 127 6.37 -3.76 -23.76
C ASP C 127 4.92 -3.44 -23.45
N PRO C 128 3.98 -4.26 -23.99
N PRO C 128 3.95 -3.96 -24.26
CA PRO C 128 2.56 -4.08 -23.71
CA PRO C 128 2.53 -3.69 -24.02
C PRO C 128 2.22 -4.22 -22.22
C PRO C 128 2.12 -3.95 -22.56
N GLU C 129 2.97 -5.06 -21.48
N GLU C 129 2.88 -4.79 -21.85
CA GLU C 129 2.73 -5.24 -20.02
CA GLU C 129 2.56 -5.11 -20.44
C GLU C 129 2.88 -3.89 -19.30
C GLU C 129 2.66 -3.84 -19.57
N LEU C 130 3.60 -2.94 -19.88
CA LEU C 130 3.84 -1.68 -19.14
C LEU C 130 2.77 -0.61 -19.41
N GLN C 131 1.93 -0.81 -20.42
CA GLN C 131 0.94 0.23 -20.82
C GLN C 131 -0.32 -0.02 -20.03
N LYS C 132 -0.20 0.11 -18.70
N LYS C 132 -0.22 0.17 -18.71
CA LYS C 132 -1.28 -0.18 -17.74
CA LYS C 132 -1.39 -0.06 -17.83
C LYS C 132 -1.21 0.79 -16.56
C LYS C 132 -1.23 0.80 -16.59
N GLN C 133 -2.35 1.03 -15.90
CA GLN C 133 -2.37 1.93 -14.74
C GLN C 133 -1.41 1.45 -13.63
N THR C 134 -1.20 0.14 -13.50
CA THR C 134 -0.21 -0.34 -12.49
C THR C 134 1.11 0.42 -12.62
N TYR C 135 1.63 0.53 -13.84
CA TYR C 135 2.95 1.17 -14.02
C TYR C 135 2.82 2.69 -14.08
N TYR C 136 1.70 3.21 -14.58
CA TYR C 136 1.55 4.68 -14.54
C TYR C 136 1.53 5.21 -13.10
N SER C 137 0.91 4.44 -12.20
N SER C 137 0.90 4.45 -12.19
CA SER C 137 0.82 4.81 -10.76
CA SER C 137 0.84 4.89 -10.77
C SER C 137 2.20 4.75 -10.10
C SER C 137 2.22 4.79 -10.12
N ARG C 138 3.05 3.85 -10.58
CA ARG C 138 4.42 3.68 -10.04
C ARG C 138 5.35 4.76 -10.63
N SER C 139 4.88 5.48 -11.65
CA SER C 139 5.71 6.49 -12.34
C SER C 139 5.57 7.83 -11.61
N ALA C 140 6.05 7.87 -10.37
CA ALA C 140 5.93 9.11 -9.55
C ALA C 140 6.70 10.26 -10.17
N TRP C 141 6.04 11.39 -10.40
N TRP C 141 6.00 11.40 -10.33
CA TRP C 141 6.79 12.57 -10.88
CA TRP C 141 6.55 12.69 -10.80
C TRP C 141 7.12 13.50 -9.70
C TRP C 141 7.17 13.45 -9.63
N GLN C 142 8.04 14.43 -9.93
CA GLN C 142 8.55 15.36 -8.89
C GLN C 142 9.07 14.58 -7.66
N VAL C 143 9.83 13.52 -7.88
CA VAL C 143 10.32 12.68 -6.76
C VAL C 143 11.32 13.45 -5.89
N ALA C 144 11.15 13.35 -4.57
CA ALA C 144 12.06 13.99 -3.61
C ALA C 144 12.70 12.92 -2.72
N LYS C 145 11.97 11.85 -2.45
CA LYS C 145 12.48 10.82 -1.51
C LYS C 145 12.19 9.42 -2.05
N LEU C 146 13.07 8.50 -1.74
CA LEU C 146 12.84 7.06 -1.96
C LEU C 146 13.09 6.37 -0.62
N ILE C 147 12.05 5.74 -0.08
CA ILE C 147 12.15 5.09 1.23
C ILE C 147 12.12 3.58 1.03
N VAL C 148 13.25 2.93 1.26
CA VAL C 148 13.35 1.46 1.04
C VAL C 148 12.82 0.73 2.26
N GLU C 149 11.99 -0.28 2.01
CA GLU C 149 11.48 -1.14 3.11
C GLU C 149 11.80 -2.60 2.78
N GLY D 4 0.35 28.20 10.84
CA GLY D 4 1.53 28.28 9.93
C GLY D 4 2.76 27.62 10.55
N THR D 5 3.08 27.98 11.80
CA THR D 5 4.23 27.36 12.52
C THR D 5 3.87 26.96 13.95
N ILE D 6 4.65 26.01 14.47
N ILE D 6 4.57 25.95 14.47
CA ILE D 6 4.53 25.38 15.81
CA ILE D 6 4.41 25.52 15.90
C ILE D 6 5.84 25.65 16.55
C ILE D 6 5.76 25.80 16.56
N ALA D 7 5.85 25.68 17.89
CA ALA D 7 7.12 25.96 18.60
C ALA D 7 8.21 24.96 18.16
N LYS D 8 9.46 25.43 18.09
CA LYS D 8 10.59 24.53 17.78
C LYS D 8 10.86 23.64 18.99
N PRO D 9 11.25 22.36 18.78
CA PRO D 9 11.59 21.49 19.89
C PRO D 9 12.86 21.99 20.58
N GLN D 10 12.96 21.76 21.89
CA GLN D 10 14.18 22.15 22.66
C GLN D 10 15.00 20.90 22.92
N GLY D 11 14.36 19.74 22.94
CA GLY D 11 15.05 18.45 23.14
C GLY D 11 15.23 17.70 21.83
N LYS D 12 15.66 16.44 21.91
CA LYS D 12 15.87 15.61 20.71
C LYS D 12 14.52 15.35 20.04
N PRO D 13 14.31 15.76 18.76
CA PRO D 13 13.05 15.46 18.09
C PRO D 13 12.95 13.94 17.91
N ILE D 14 11.79 13.39 18.24
CA ILE D 14 11.56 11.92 18.19
C ILE D 14 10.43 11.64 17.19
N LEU D 15 9.76 12.69 16.70
CA LEU D 15 8.66 12.51 15.72
C LEU D 15 8.69 13.65 14.69
N THR D 16 8.64 13.29 13.42
CA THR D 16 8.55 14.31 12.34
C THR D 16 7.30 14.02 11.50
N ILE D 17 6.39 14.97 11.49
CA ILE D 17 5.17 14.90 10.64
C ILE D 17 5.42 15.77 9.41
N SER D 18 5.13 15.23 8.25
CA SER D 18 5.43 15.97 6.99
C SER D 18 4.35 15.69 5.97
N GLY D 19 4.51 16.22 4.77
CA GLY D 19 3.55 15.96 3.68
C GLY D 19 2.48 17.02 3.55
N ASN D 20 1.26 16.54 3.34
CA ASN D 20 0.08 17.37 2.99
C ASN D 20 -0.49 17.95 4.28
N ILE D 21 0.30 18.84 4.88
CA ILE D 21 -0.03 19.53 6.17
C ILE D 21 0.06 21.03 5.98
N THR D 22 -0.39 21.79 6.97
CA THR D 22 -0.45 23.27 6.84
C THR D 22 0.50 23.95 7.82
N ASN D 23 0.66 23.39 9.02
CA ASN D 23 1.43 24.03 10.11
C ASN D 23 2.75 23.29 10.33
N THR D 24 3.86 24.04 10.28
CA THR D 24 5.21 23.43 10.34
C THR D 24 6.15 24.20 11.28
N ASN D 25 7.25 23.57 11.67
CA ASN D 25 8.29 24.28 12.47
C ASN D 25 9.64 24.05 11.78
N ALA D 26 9.56 23.61 10.51
CA ALA D 26 10.74 23.35 9.65
C ALA D 26 10.28 23.32 8.19
N GLU D 27 11.23 23.26 7.25
CA GLU D 27 10.88 23.20 5.82
C GLU D 27 9.97 21.99 5.58
N GLY D 28 8.67 22.24 5.42
CA GLY D 28 7.66 21.23 5.08
C GLY D 28 7.40 20.20 6.18
N ALA D 29 7.87 20.44 7.41
CA ALA D 29 7.67 19.41 8.46
C ALA D 29 7.41 20.03 9.83
N ALA D 30 6.75 19.25 10.68
CA ALA D 30 6.49 19.60 12.09
C ALA D 30 7.26 18.59 12.94
N GLN D 31 8.33 19.05 13.59
N GLN D 31 8.32 19.05 13.61
CA GLN D 31 9.17 18.21 14.48
CA GLN D 31 9.19 18.19 14.46
C GLN D 31 8.67 18.32 15.92
C GLN D 31 8.76 18.32 15.93
N PHE D 32 8.64 17.18 16.63
CA PHE D 32 8.19 17.16 18.05
C PHE D 32 9.22 16.44 18.92
N ASP D 33 9.58 17.05 20.04
CA ASP D 33 10.38 16.33 21.07
C ASP D 33 9.37 15.75 22.08
N ARG D 34 9.86 14.88 22.98
CA ARG D 34 8.94 14.16 23.89
C ARG D 34 8.18 15.16 24.77
N ASP D 35 8.85 16.24 25.20
CA ASP D 35 8.19 17.27 26.04
C ASP D 35 6.97 17.84 25.31
N MET D 36 7.14 18.19 24.03
CA MET D 36 6.02 18.77 23.23
C MET D 36 4.86 17.78 23.12
N LEU D 37 5.15 16.50 22.92
CA LEU D 37 4.07 15.48 22.78
C LEU D 37 3.29 15.39 24.11
N GLU D 38 4.01 15.29 25.22
N GLU D 38 4.00 15.28 25.23
CA GLU D 38 3.35 15.19 26.56
CA GLU D 38 3.32 15.18 26.55
C GLU D 38 2.51 16.44 26.81
C GLU D 38 2.51 16.45 26.83
N ALA D 39 3.01 17.60 26.40
CA ALA D 39 2.33 18.91 26.65
C ALA D 39 0.98 18.99 25.91
N LEU D 40 0.74 18.13 24.92
CA LEU D 40 -0.54 18.19 24.16
C LEU D 40 -1.65 17.50 24.97
N GLY D 41 -1.29 16.85 26.09
CA GLY D 41 -2.25 16.13 26.94
C GLY D 41 -2.12 14.63 26.77
N MET D 42 -1.94 13.90 27.87
CA MET D 42 -1.75 12.44 27.84
C MET D 42 -3.10 11.73 28.00
N GLU D 43 -3.41 10.82 27.07
CA GLU D 43 -4.63 9.98 27.09
C GLU D 43 -4.20 8.55 27.44
N THR D 44 -5.08 7.79 28.08
CA THR D 44 -4.73 6.41 28.52
C THR D 44 -5.53 5.37 27.73
N VAL D 45 -4.84 4.31 27.29
CA VAL D 45 -5.49 3.13 26.66
C VAL D 45 -5.05 1.91 27.44
N GLU D 46 -5.99 1.21 28.07
N GLU D 46 -6.01 1.20 28.03
CA GLU D 46 -5.66 -0.07 28.75
CA GLU D 46 -5.73 -0.07 28.76
C GLU D 46 -6.21 -1.20 27.88
C GLU D 46 -6.23 -1.21 27.89
N THR D 47 -5.33 -2.10 27.47
CA THR D 47 -5.76 -3.20 26.57
C THR D 47 -4.74 -4.33 26.55
N THR D 48 -5.22 -5.53 26.25
CA THR D 48 -4.28 -6.60 25.89
C THR D 48 -3.83 -6.32 24.45
N THR D 49 -2.71 -6.90 24.05
CA THR D 49 -2.23 -6.76 22.65
C THR D 49 -1.65 -8.09 22.23
N PRO D 50 -1.40 -8.32 20.92
CA PRO D 50 -0.74 -9.55 20.49
C PRO D 50 0.71 -9.65 20.97
N TRP D 51 1.29 -8.57 21.52
CA TRP D 51 2.76 -8.53 21.79
C TRP D 51 3.10 -8.36 23.27
N HIS D 52 2.09 -8.13 24.10
CA HIS D 52 2.34 -7.86 25.54
C HIS D 52 1.71 -8.97 26.39
N ASP D 53 2.13 -9.04 27.65
N ASP D 53 2.12 -9.06 27.66
CA ASP D 53 1.60 -10.06 28.60
CA ASP D 53 1.60 -10.10 28.58
C ASP D 53 0.46 -9.44 29.39
C ASP D 53 0.48 -9.50 29.43
N GLY D 54 -0.76 -9.93 29.20
CA GLY D 54 -1.94 -9.44 29.96
C GLY D 54 -2.36 -8.04 29.53
N ARG D 55 -3.25 -7.43 30.33
CA ARG D 55 -3.78 -6.08 30.02
C ARG D 55 -2.72 -5.07 30.45
N VAL D 56 -2.21 -4.27 29.52
CA VAL D 56 -1.18 -3.25 29.86
C VAL D 56 -1.77 -1.86 29.71
N ARG D 57 -1.15 -0.90 30.37
CA ARG D 57 -1.62 0.51 30.35
C ARG D 57 -0.67 1.35 29.48
N PHE D 58 -1.20 1.92 28.41
CA PHE D 58 -0.44 2.84 27.54
C PHE D 58 -0.90 4.28 27.80
N ASP D 59 0.05 5.20 27.92
CA ASP D 59 -0.27 6.64 28.04
C ASP D 59 0.37 7.33 26.85
N GLY D 60 -0.38 8.21 26.18
CA GLY D 60 0.19 8.90 25.02
C GLY D 60 -0.71 10.01 24.49
N VAL D 61 -0.36 10.52 23.32
CA VAL D 61 -1.05 11.68 22.70
C VAL D 61 -2.06 11.19 21.64
N SER D 62 -3.22 11.84 21.61
CA SER D 62 -4.25 11.55 20.57
C SER D 62 -3.66 11.82 19.17
N LEU D 63 -3.72 10.83 18.28
CA LEU D 63 -3.24 11.07 16.90
C LEU D 63 -4.20 12.00 16.15
N ALA D 64 -5.49 11.96 16.48
CA ALA D 64 -6.45 12.93 15.91
C ALA D 64 -5.98 14.35 16.28
N LYS D 65 -5.57 14.54 17.54
N LYS D 65 -5.54 14.55 17.53
CA LYS D 65 -5.09 15.87 17.99
CA LYS D 65 -5.11 15.91 17.95
C LYS D 65 -3.86 16.28 17.17
C LYS D 65 -3.83 16.30 17.20
N LEU D 66 -2.90 15.36 17.01
CA LEU D 66 -1.66 15.67 16.23
C LEU D 66 -2.03 16.08 14.81
N MET D 67 -3.01 15.40 14.19
CA MET D 67 -3.40 15.78 12.81
C MET D 67 -4.02 17.18 12.79
N ASP D 68 -4.81 17.53 13.81
N ASP D 68 -4.78 17.55 13.83
CA ASP D 68 -5.46 18.88 13.83
CA ASP D 68 -5.35 18.92 13.90
C ASP D 68 -4.40 19.97 14.04
C ASP D 68 -4.22 19.94 14.08
N ILE D 69 -3.39 19.68 14.86
N ILE D 69 -3.30 19.65 15.00
CA ILE D 69 -2.31 20.67 15.16
CA ILE D 69 -2.14 20.56 15.29
C ILE D 69 -1.51 20.95 13.89
C ILE D 69 -1.39 20.91 14.00
N VAL D 70 -1.13 19.91 13.14
CA VAL D 70 -0.35 20.15 11.90
C VAL D 70 -1.25 20.61 10.75
N GLY D 71 -2.57 20.61 10.94
CA GLY D 71 -3.48 21.00 9.85
C GLY D 71 -3.45 20.01 8.70
N ALA D 72 -3.54 18.71 9.01
CA ALA D 72 -3.50 17.67 7.94
C ALA D 72 -4.61 17.95 6.93
N LYS D 73 -4.27 17.93 5.64
CA LYS D 73 -5.24 18.21 4.56
C LYS D 73 -5.56 16.90 3.84
N GLY D 74 -4.70 15.89 4.00
CA GLY D 74 -4.91 14.60 3.33
C GLY D 74 -5.73 13.63 4.16
N THR D 75 -6.09 12.50 3.55
CA THR D 75 -6.94 11.49 4.21
C THR D 75 -6.14 10.24 4.59
N SER D 76 -4.85 10.20 4.25
N SER D 76 -4.86 10.22 4.31
CA SER D 76 -3.96 9.03 4.46
CA SER D 76 -4.11 9.05 4.81
C SER D 76 -2.64 9.46 5.14
C SER D 76 -2.79 9.54 5.37
N VAL D 77 -2.13 8.67 6.10
CA VAL D 77 -0.81 8.99 6.70
C VAL D 77 0.04 7.73 6.60
N THR D 78 1.31 7.89 6.24
CA THR D 78 2.27 6.76 6.19
C THR D 78 3.17 6.86 7.43
N ALA D 79 3.06 5.89 8.31
CA ALA D 79 3.97 5.79 9.47
C ALA D 79 5.27 5.12 9.02
N VAL D 80 6.41 5.70 9.38
CA VAL D 80 7.74 5.10 9.08
C VAL D 80 8.44 4.92 10.42
N ALA D 81 8.92 3.72 10.68
CA ALA D 81 9.56 3.36 11.97
C ALA D 81 11.09 3.39 11.88
N LEU D 82 11.72 3.39 13.06
CA LEU D 82 13.20 3.37 13.18
C LEU D 82 13.77 2.09 12.55
N ASN D 83 12.97 1.02 12.54
N ASN D 83 13.06 0.94 12.60
CA ASN D 83 13.32 -0.33 12.03
CA ASN D 83 13.58 -0.30 11.94
C ASN D 83 13.00 -0.44 10.52
C ASN D 83 12.94 -0.46 10.55
N ASP D 84 12.49 0.63 9.90
N ASP D 84 12.58 0.67 9.92
CA ASP D 84 12.19 0.73 8.44
CA ASP D 84 12.21 0.75 8.48
C ASP D 84 10.74 0.33 8.11
C ASP D 84 10.83 0.17 8.13
N TYR D 85 9.97 -0.10 9.11
CA TYR D 85 8.57 -0.48 8.80
C TYR D 85 7.84 0.71 8.19
N VAL D 86 7.05 0.46 7.15
CA VAL D 86 6.18 1.47 6.49
C VAL D 86 4.73 0.99 6.60
N SER D 87 3.85 1.82 7.15
CA SER D 87 2.44 1.41 7.29
C SER D 87 1.53 2.57 6.92
N THR D 88 0.64 2.35 5.97
CA THR D 88 -0.34 3.37 5.57
C THR D 88 -1.54 3.25 6.49
N ILE D 89 -1.99 4.37 7.03
CA ILE D 89 -3.13 4.39 7.98
C ILE D 89 -4.13 5.42 7.48
N PRO D 90 -5.41 5.07 7.25
CA PRO D 90 -6.42 6.08 6.95
C PRO D 90 -6.56 6.98 8.19
N ILE D 91 -6.49 8.29 7.98
CA ILE D 91 -6.56 9.24 9.13
C ILE D 91 -7.89 9.09 9.87
N GLU D 92 -8.96 8.69 9.17
N GLU D 92 -8.97 8.67 9.20
CA GLU D 92 -10.28 8.48 9.80
CA GLU D 92 -10.29 8.53 9.86
C GLU D 92 -10.16 7.56 11.02
C GLU D 92 -10.20 7.52 11.01
N ASP D 93 -9.22 6.61 10.99
CA ASP D 93 -9.07 5.65 12.12
C ASP D 93 -8.85 6.41 13.43
N PHE D 94 -8.13 7.52 13.35
CA PHE D 94 -7.70 8.22 14.59
C PHE D 94 -8.90 8.73 15.38
N LYS D 95 -9.87 9.34 14.71
CA LYS D 95 -11.04 9.87 15.46
C LYS D 95 -11.98 8.71 15.79
N LYS D 96 -12.17 7.82 14.83
CA LYS D 96 -13.12 6.69 15.02
C LYS D 96 -12.76 5.84 16.25
N PHE D 97 -11.47 5.60 16.49
CA PHE D 97 -11.05 4.65 17.54
C PHE D 97 -10.19 5.23 18.66
N ASN D 98 -10.03 6.55 18.68
N ASN D 98 -10.07 6.56 18.77
CA ASN D 98 -9.27 7.14 19.83
CA ASN D 98 -9.27 7.11 19.90
C ASN D 98 -7.88 6.48 19.87
C ASN D 98 -7.85 6.51 19.90
N VAL D 99 -7.25 6.45 18.72
CA VAL D 99 -5.89 5.87 18.57
C VAL D 99 -4.88 6.83 19.21
N ILE D 100 -3.89 6.31 19.92
CA ILE D 100 -2.86 7.19 20.52
C ILE D 100 -1.48 6.85 20.00
N LEU D 101 -0.60 7.84 20.08
CA LEU D 101 0.84 7.61 19.89
C LEU D 101 1.35 7.37 21.31
N ALA D 102 1.48 6.11 21.69
CA ALA D 102 1.87 5.76 23.08
C ALA D 102 3.31 6.22 23.37
N ILE D 103 3.49 6.76 24.57
CA ILE D 103 4.81 7.30 25.06
C ILE D 103 5.23 6.50 26.29
N LYS D 104 4.26 6.02 27.08
CA LYS D 104 4.55 5.22 28.29
C LYS D 104 3.79 3.90 28.25
N LEU D 105 4.42 2.88 28.82
CA LEU D 105 3.88 1.51 29.02
C LEU D 105 3.97 1.21 30.51
N ASP D 106 2.81 1.00 31.16
CA ASP D 106 2.76 0.71 32.62
C ASP D 106 3.54 1.80 33.39
N GLY D 107 3.39 3.05 32.99
CA GLY D 107 3.95 4.20 33.75
C GLY D 107 5.40 4.49 33.45
N ASN D 108 6.03 3.74 32.54
CA ASN D 108 7.45 3.95 32.22
C ASN D 108 7.62 4.33 30.74
N TYR D 109 8.60 5.18 30.43
CA TYR D 109 8.92 5.48 29.02
C TYR D 109 9.37 4.20 28.32
N MET D 110 9.06 4.06 27.04
CA MET D 110 9.46 2.85 26.28
C MET D 110 10.82 3.08 25.62
N THR D 111 11.75 2.14 25.81
CA THR D 111 13.08 2.21 25.15
C THR D 111 12.93 1.64 23.73
N VAL D 112 13.98 1.72 22.92
CA VAL D 112 13.93 1.17 21.53
C VAL D 112 13.76 -0.36 21.62
N ARG D 113 14.27 -0.96 22.69
CA ARG D 113 14.17 -2.43 22.92
C ARG D 113 12.73 -2.80 23.33
N GLU D 114 11.94 -1.80 23.76
CA GLU D 114 10.55 -2.02 24.22
C GLU D 114 9.55 -1.46 23.20
N LYS D 115 9.95 -1.41 21.93
CA LYS D 115 9.08 -0.96 20.81
C LYS D 115 8.83 0.55 20.86
N GLY D 116 9.69 1.29 21.58
CA GLY D 116 9.55 2.75 21.71
C GLY D 116 10.51 3.51 20.81
N PRO D 117 10.65 4.84 20.99
CA PRO D 117 9.95 5.57 22.06
C PRO D 117 8.46 5.85 21.82
N LEU D 118 8.00 5.67 20.58
CA LEU D 118 6.61 5.98 20.20
C LEU D 118 6.00 4.74 19.53
N PHE D 119 4.71 4.50 19.79
CA PHE D 119 4.04 3.25 19.34
C PHE D 119 2.58 3.58 19.04
N VAL D 120 2.14 3.36 17.80
CA VAL D 120 0.70 3.59 17.47
C VAL D 120 -0.11 2.49 18.16
N ILE D 121 -1.05 2.89 19.02
CA ILE D 121 -1.85 1.91 19.81
C ILE D 121 -3.33 2.17 19.62
N TYR D 122 -4.03 1.13 19.22
CA TYR D 122 -5.50 1.14 19.17
C TYR D 122 -6.00 0.43 20.43
N PRO D 123 -7.22 0.76 20.91
CA PRO D 123 -7.78 0.09 22.10
C PRO D 123 -8.39 -1.28 21.68
N TYR D 124 -7.51 -2.24 21.40
CA TYR D 124 -7.97 -3.54 20.81
C TYR D 124 -9.11 -4.21 21.60
N ASP D 125 -8.95 -4.29 22.93
N ASP D 125 -8.99 -4.32 22.92
CA ASP D 125 -9.94 -5.00 23.79
CA ASP D 125 -10.03 -5.12 23.64
C ASP D 125 -11.32 -4.34 23.76
C ASP D 125 -11.33 -4.32 23.83
N SER D 126 -11.42 -3.08 23.33
CA SER D 126 -12.68 -2.28 23.44
C SER D 126 -13.69 -2.59 22.34
N ASP D 127 -13.25 -3.28 21.28
CA ASP D 127 -14.18 -3.52 20.16
C ASP D 127 -13.66 -4.71 19.35
N PRO D 128 -14.49 -5.72 19.05
N PRO D 128 -14.46 -5.76 19.10
CA PRO D 128 -14.04 -6.87 18.27
CA PRO D 128 -14.02 -6.88 18.27
C PRO D 128 -13.52 -6.45 16.87
C PRO D 128 -13.48 -6.42 16.89
N GLU D 129 -13.98 -5.30 16.37
CA GLU D 129 -13.51 -4.77 15.06
C GLU D 129 -11.99 -4.56 15.10
N LEU D 130 -11.46 -4.20 16.26
CA LEU D 130 -10.02 -3.85 16.37
C LEU D 130 -9.15 -5.08 16.63
N GLN D 131 -9.75 -6.24 16.86
CA GLN D 131 -8.96 -7.46 17.20
C GLN D 131 -8.68 -8.21 15.91
N LYS D 132 -8.04 -7.49 15.00
CA LYS D 132 -7.85 -7.97 13.60
C LYS D 132 -6.49 -7.52 13.09
N GLN D 133 -5.92 -8.33 12.20
CA GLN D 133 -4.60 -7.97 11.62
C GLN D 133 -4.64 -6.60 10.93
N THR D 134 -5.80 -6.18 10.40
CA THR D 134 -5.89 -4.84 9.79
C THR D 134 -5.34 -3.79 10.76
N TYR D 135 -5.74 -3.85 12.04
CA TYR D 135 -5.33 -2.81 13.00
C TYR D 135 -3.98 -3.14 13.63
N TYR D 136 -3.64 -4.42 13.76
CA TYR D 136 -2.29 -4.76 14.28
C TYR D 136 -1.22 -4.22 13.30
N SER D 137 -1.51 -4.28 12.00
N SER D 137 -1.49 -4.29 12.00
CA SER D 137 -0.59 -3.81 10.93
CA SER D 137 -0.49 -3.82 11.01
C SER D 137 -0.44 -2.29 10.97
C SER D 137 -0.39 -2.29 11.06
N ARG D 138 -1.49 -1.61 11.39
CA ARG D 138 -1.48 -0.13 11.47
C ARG D 138 -0.83 0.32 12.78
N SER D 139 -0.61 -0.61 13.71
CA SER D 139 -0.02 -0.32 15.04
C SER D 139 1.50 -0.31 14.92
N ALA D 140 2.02 0.68 14.19
CA ALA D 140 3.48 0.74 13.97
C ALA D 140 4.24 1.03 15.26
N TRP D 141 5.20 0.17 15.59
N TRP D 141 5.24 0.17 15.53
CA TRP D 141 6.02 0.51 16.78
CA TRP D 141 6.16 0.31 16.69
C TRP D 141 7.31 1.22 16.35
C TRP D 141 7.28 1.28 16.32
N GLN D 142 7.99 1.84 17.32
CA GLN D 142 9.21 2.64 17.04
C GLN D 142 8.94 3.68 15.94
N VAL D 143 7.80 4.36 16.02
N VAL D 143 7.76 4.32 15.94
CA VAL D 143 7.48 5.39 15.01
CA VAL D 143 7.41 5.27 14.84
C VAL D 143 8.52 6.51 15.04
C VAL D 143 8.22 6.57 14.98
N ALA D 144 8.83 7.02 13.86
CA ALA D 144 9.73 8.20 13.76
C ALA D 144 9.11 9.26 12.86
N LYS D 145 8.35 8.83 11.84
CA LYS D 145 7.79 9.79 10.89
C LYS D 145 6.32 9.47 10.62
N LEU D 146 5.55 10.52 10.35
CA LEU D 146 4.16 10.40 9.84
C LEU D 146 4.10 11.28 8.60
N ILE D 147 3.91 10.67 7.44
CA ILE D 147 3.87 11.40 6.15
C ILE D 147 2.43 11.47 5.69
N VAL D 148 1.85 12.67 5.71
CA VAL D 148 0.43 12.82 5.31
C VAL D 148 0.31 12.94 3.79
N GLU D 149 -0.63 12.19 3.22
CA GLU D 149 -0.92 12.26 1.77
C GLU D 149 -2.40 12.62 1.57
NA NA E . 3.48 -3.65 4.23
NA NA F . -7.72 -11.55 -16.20
C1 MLA G . 1.71 -6.39 12.19
C1 MLA G . 1.08 -7.34 11.64
O1A MLA G . 2.31 -5.35 11.89
O1A MLA G . 1.78 -6.30 11.68
O1B MLA G . 0.93 -7.00 11.42
O1B MLA G . 0.24 -7.58 10.77
C2 MLA G . 1.94 -6.98 13.58
C2 MLA G . 1.29 -8.37 12.73
C3 MLA G . 1.06 -8.17 13.91
C3 MLA G . 2.22 -7.90 13.84
O3A MLA G . 1.12 -8.63 15.06
O3A MLA G . 2.43 -8.67 14.79
O3B MLA G . 0.34 -8.64 13.01
O3B MLA G . 2.72 -6.76 13.75
C1 MLA H . 9.69 -8.92 18.12
O1A MLA H . 10.36 -8.94 17.08
O1B MLA H . 10.19 -8.77 19.25
C2 MLA H . 8.18 -9.11 18.01
C3 MLA H . 7.54 -9.74 19.24
O3A MLA H . 7.71 -10.95 19.44
O3B MLA H . 6.87 -9.01 19.99
C1 GLC I . 12.39 -11.85 18.57
C2 GLC I . 13.48 -12.90 18.68
C3 GLC I . 13.73 -13.53 17.31
C4 GLC I . 12.42 -14.09 16.77
C5 GLC I . 11.34 -13.01 16.74
C6 GLC I . 10.01 -13.59 16.31
O1 GLC I . 12.82 -10.80 17.70
O2 GLC I . 14.69 -12.31 19.17
O3 GLC I . 14.70 -14.57 17.37
O4 GLC I . 12.64 -14.59 15.45
O5 GLC I . 11.20 -12.44 18.05
O6 GLC I . 9.54 -14.51 17.30
C FMT J . -18.57 4.83 4.58
O1 FMT J . -17.99 5.38 5.49
O2 FMT J . -19.84 4.96 4.30
NA NA K . -2.18 5.81 -3.52
C1 MLA L . -1.48 16.22 -16.62
O1A MLA L . -2.46 16.54 -17.32
O1B MLA L . -0.37 15.91 -17.08
C2 MLA L . -1.66 16.18 -15.11
C3 MLA L . -1.40 17.50 -14.41
O3A MLA L . -2.03 17.74 -13.36
O3B MLA L . -0.59 18.28 -14.92
C1 MLA M . -3.21 4.32 -22.09
O1A MLA M . -3.86 4.47 -23.15
O1B MLA M . -2.55 3.30 -21.82
C2 MLA M . -3.23 5.46 -21.08
C3 MLA M . -3.61 6.83 -21.67
O3A MLA M . -4.72 7.31 -21.38
O3B MLA M . -2.78 7.39 -22.41
NA NA N . 0.45 0.90 -6.85
C1 MLA O . -1.84 8.05 -14.10
C1 MLA O . -1.97 9.10 -13.63
O1A MLA O . -1.81 8.67 -15.18
O1A MLA O . -2.28 9.73 -14.66
O1B MLA O . -2.59 7.09 -13.87
O1B MLA O . -1.02 9.41 -12.89
C2 MLA O . -0.93 8.52 -12.98
C2 MLA O . -2.80 7.87 -13.27
C3 MLA O . -1.06 7.65 -11.74
C3 MLA O . -2.24 7.08 -12.10
O3A MLA O . -0.35 7.93 -10.75
O3A MLA O . -2.76 5.98 -11.85
O3B MLA O . -1.86 6.70 -11.77
O3B MLA O . -1.29 7.58 -11.44
NA NA P . -2.53 -1.97 5.90
C1 MLA Q . -5.41 -12.21 17.98
O1A MLA Q . -6.23 -11.33 17.68
O1B MLA Q . -5.72 -13.33 18.43
C2 MLA Q . -3.92 -11.90 17.78
C3 MLA Q . -2.99 -12.59 18.77
O3A MLA Q . -2.97 -12.19 19.95
O3B MLA Q . -2.30 -13.54 18.35
C1 GLC R . -7.40 -11.61 20.97
C2 GLC R . -8.39 -11.41 22.10
C3 GLC R . -8.82 -9.95 22.16
C4 GLC R . -7.61 -9.04 22.25
C5 GLC R . -6.64 -9.33 21.10
C6 GLC R . -5.37 -8.51 21.23
O1 GLC R . -8.04 -11.37 19.71
O2 GLC R . -9.53 -12.25 21.88
O3 GLC R . -9.69 -9.72 23.28
O4 GLC R . -8.05 -7.68 22.19
O5 GLC R . -6.28 -10.72 21.12
O6 GLC R . -4.64 -8.90 22.40
#